data_6SRV
#
_entry.id   6SRV
#
_cell.length_a   172.690
_cell.length_b   172.690
_cell.length_c   211.260
_cell.angle_alpha   90.000
_cell.angle_beta   90.000
_cell.angle_gamma   120.000
#
_symmetry.space_group_name_H-M   'H 3 2'
#
loop_
_entity.id
_entity.type
_entity.pdbx_description
1 polymer 'Fab C0021144 heavy chain (IgG1)'
2 polymer 'Fab C0021144 light chain (IgG1)'
3 non-polymer 'CHLORIDE ION'
4 non-polymer 1,2-ETHANEDIOL
5 non-polymer DI(HYDROXYETHYL)ETHER
6 non-polymer 2-AMINO-2-HYDROXYMETHYL-PROPANE-1,3-DIOL
7 water water
#
loop_
_entity_poly.entity_id
_entity_poly.type
_entity_poly.pdbx_seq_one_letter_code
_entity_poly.pdbx_strand_id
1 'polypeptide(L)'
;GAHSEVQLLESGGGLVQPGGSLRLSCAASGFTFRYDYHVWVRQAPGKGLEWVSAISGSGGSTYYADSVKGRFTISRDNSK
NTLYLQMNSLRAEDTAVYYCARLRADLGLYMDLWGRGTLVTVSSASTKGPSVFPLAPSSKSTSGGTAALGCLVKDYFPEP
VTVSWNSGALTSGVHTFPAVLQSSGLYSLSSVVTVPSSSLGTQTYICNVNHKPSNTKVDKRVEPKSCDKTHAA
;
HHH,III
2 'polypeptide(L)'
;GVHSQSVLTQPPSVSAAPGQKVTVSCSGSSSNIGNHHVSWYQQLPGTAPKLLIYDTTVLSSGVPDRFSGSKSGTSATLGI
TGLQTGDEADYYCGTWDELTSNLVFGGGTKLTVLGQPKAAPSVTLFPPSSEELQANKATLVCLISDFYPGAVTVAWKADS
SPVKAGVETTTPSKQSNNKYAASSYLSLTPEQWKSHRSYSCQVTHEGSTVEKTVAPTECS
;
LLL,MMM
#
loop_
_chem_comp.id
_chem_comp.type
_chem_comp.name
_chem_comp.formula
CL non-polymer 'CHLORIDE ION' 'Cl -1'
EDO non-polymer 1,2-ETHANEDIOL 'C2 H6 O2'
PEG non-polymer DI(HYDROXYETHYL)ETHER 'C4 H10 O3'
TRS non-polymer 2-AMINO-2-HYDROXYMETHYL-PROPANE-1,3-DIOL 'C4 H12 N O3 1'
#
# COMPACT_ATOMS: atom_id res chain seq x y z
N GLU A 5 -11.97 -5.95 -13.17
CA GLU A 5 -12.24 -4.86 -12.19
C GLU A 5 -13.10 -3.78 -12.86
N VAL A 6 -13.85 -3.04 -12.04
CA VAL A 6 -14.75 -1.93 -12.45
C VAL A 6 -14.14 -0.65 -11.87
N GLN A 7 -13.96 0.41 -12.67
CA GLN A 7 -13.32 1.64 -12.14
C GLN A 7 -13.71 2.91 -12.88
N LEU A 8 -13.41 4.01 -12.20
CA LEU A 8 -13.59 5.41 -12.63
C LEU A 8 -12.23 6.11 -12.55
N LEU A 9 -11.65 6.38 -13.71
CA LEU A 9 -10.30 7.01 -13.85
C LEU A 9 -10.49 8.50 -14.07
N GLU A 10 -10.22 9.27 -13.03
CA GLU A 10 -10.35 10.73 -13.00
C GLU A 10 -9.05 11.39 -13.46
N SER A 11 -9.15 12.46 -14.25
CA SER A 11 -8.09 13.35 -14.76
C SER A 11 -8.61 14.79 -14.74
N GLY A 12 -7.75 15.75 -14.49
CA GLY A 12 -7.92 17.09 -15.06
C GLY A 12 -8.00 18.21 -14.05
N GLY A 13 -7.44 18.03 -12.87
CA GLY A 13 -7.47 19.14 -11.90
C GLY A 13 -6.42 20.20 -12.17
N GLY A 14 -6.21 21.12 -11.23
CA GLY A 14 -5.03 21.99 -11.16
C GLY A 14 -5.39 23.40 -10.71
N LEU A 15 -4.46 24.31 -10.97
CA LEU A 15 -4.53 25.77 -10.66
C LEU A 15 -5.20 26.48 -11.83
N VAL A 16 -6.07 27.45 -11.53
CA VAL A 16 -6.72 28.34 -12.52
C VAL A 16 -7.00 29.65 -11.79
N GLN A 17 -7.09 30.74 -12.56
CA GLN A 17 -7.32 32.13 -12.08
C GLN A 17 -8.81 32.25 -11.76
N PRO A 18 -9.20 33.06 -10.74
CA PRO A 18 -10.61 33.46 -10.58
C PRO A 18 -11.12 33.95 -11.94
N GLY A 19 -12.32 33.52 -12.34
CA GLY A 19 -12.96 33.80 -13.64
C GLY A 19 -12.71 32.67 -14.64
N GLY A 20 -11.61 31.92 -14.41
CA GLY A 20 -11.16 30.90 -15.36
C GLY A 20 -12.03 29.65 -15.38
N SER A 21 -11.67 28.68 -16.22
CA SER A 21 -12.39 27.42 -16.50
C SER A 21 -11.45 26.21 -16.34
N LEU A 22 -11.99 25.03 -15.94
CA LEU A 22 -11.31 23.70 -15.92
C LEU A 22 -12.27 22.59 -16.34
N ARG A 23 -11.74 21.53 -16.93
CA ARG A 23 -12.53 20.35 -17.36
C ARG A 23 -12.02 19.13 -16.58
N LEU A 24 -12.88 18.52 -15.76
CA LEU A 24 -12.65 17.20 -15.14
C LEU A 24 -13.23 16.12 -16.07
N SER A 25 -12.45 15.08 -16.29
CA SER A 25 -12.80 13.85 -17.03
C SER A 25 -12.94 12.74 -15.99
N CYS A 26 -13.61 11.67 -16.37
CA CYS A 26 -13.74 10.46 -15.53
C CYS A 26 -14.14 9.33 -16.49
N ALA A 27 -13.20 8.46 -16.83
CA ALA A 27 -13.40 7.40 -17.83
C ALA A 27 -13.76 6.09 -17.12
N ALA A 28 -14.56 5.24 -17.77
CA ALA A 28 -15.20 4.09 -17.12
C ALA A 28 -14.95 2.80 -17.90
N SER A 29 -14.59 1.75 -17.17
CA SER A 29 -14.25 0.39 -17.64
C SER A 29 -14.93 -0.61 -16.71
N GLY A 30 -15.46 -1.67 -17.32
CA GLY A 30 -15.90 -2.88 -16.60
C GLY A 30 -17.40 -3.00 -16.57
N PHE A 31 -18.14 -1.90 -16.77
CA PHE A 31 -19.63 -1.83 -16.71
C PHE A 31 -20.18 -1.05 -17.91
N THR A 32 -21.40 -1.33 -18.39
CA THR A 32 -22.08 -0.49 -19.41
C THR A 32 -22.50 0.78 -18.68
N PHE A 33 -21.60 1.75 -18.75
CA PHE A 33 -21.63 3.10 -18.12
C PHE A 33 -22.89 3.90 -18.53
N ARG A 34 -23.45 3.64 -19.72
CA ARG A 34 -24.35 4.56 -20.45
C ARG A 34 -25.77 4.47 -19.90
N TYR A 35 -26.02 3.56 -18.96
CA TYR A 35 -27.34 3.37 -18.34
C TYR A 35 -27.36 3.89 -16.91
N ASP A 36 -26.21 4.16 -16.29
CA ASP A 36 -26.13 4.49 -14.85
C ASP A 36 -26.02 5.98 -14.70
N TYR A 37 -26.78 6.60 -13.78
CA TYR A 37 -26.55 8.01 -13.40
C TYR A 37 -25.10 8.08 -12.89
N HIS A 38 -24.44 9.21 -13.05
CA HIS A 38 -23.17 9.52 -12.33
C HIS A 38 -23.32 10.92 -11.74
N VAL A 39 -22.45 11.26 -10.81
CA VAL A 39 -22.44 12.59 -10.12
C VAL A 39 -21.02 13.10 -9.99
N TRP A 40 -20.89 14.33 -9.53
CA TRP A 40 -19.64 14.94 -9.06
C TRP A 40 -19.91 15.41 -7.63
N VAL A 41 -19.00 15.07 -6.75
CA VAL A 41 -19.01 15.49 -5.32
C VAL A 41 -17.68 16.21 -5.09
N ARG A 42 -17.65 17.22 -4.24
CA ARG A 42 -16.40 17.92 -3.90
C ARG A 42 -16.21 18.02 -2.38
N GLN A 43 -14.98 18.29 -1.93
CA GLN A 43 -14.61 18.46 -0.52
C GLN A 43 -13.46 19.47 -0.38
N ALA A 44 -13.79 20.65 0.10
CA ALA A 44 -12.83 21.70 0.54
C ALA A 44 -11.98 21.06 1.62
N PRO A 45 -10.70 21.46 1.80
CA PRO A 45 -9.81 20.80 2.76
C PRO A 45 -10.28 21.16 4.18
N GLY A 46 -10.26 20.17 5.10
CA GLY A 46 -10.79 20.27 6.49
C GLY A 46 -12.28 19.96 6.56
N LYS A 47 -13.04 20.36 5.54
CA LYS A 47 -14.53 20.34 5.42
C LYS A 47 -15.04 19.02 4.84
N GLY A 48 -16.36 18.93 4.68
CA GLY A 48 -17.07 17.68 4.35
C GLY A 48 -17.50 17.62 2.90
N LEU A 49 -18.29 16.60 2.55
CA LEU A 49 -18.76 16.27 1.18
C LEU A 49 -19.93 17.17 0.81
N GLU A 50 -19.86 17.77 -0.39
CA GLU A 50 -20.92 18.57 -1.05
C GLU A 50 -21.17 17.99 -2.45
N TRP A 51 -22.30 17.33 -2.63
CA TRP A 51 -22.85 17.01 -3.96
C TRP A 51 -22.95 18.29 -4.77
N VAL A 52 -22.72 18.19 -6.07
CA VAL A 52 -22.48 19.35 -6.97
C VAL A 52 -23.32 19.15 -8.22
N SER A 53 -23.32 17.96 -8.81
CA SER A 53 -24.03 17.77 -10.11
C SER A 53 -24.36 16.30 -10.34
N ALA A 54 -25.31 16.00 -11.22
CA ALA A 54 -25.65 14.61 -11.58
C ALA A 54 -26.20 14.54 -13.00
N ILE A 55 -26.10 13.38 -13.65
CA ILE A 55 -26.57 13.22 -15.05
C ILE A 55 -27.14 11.80 -15.24
N SER A 56 -28.25 11.70 -15.97
CA SER A 56 -28.91 10.43 -16.39
C SER A 56 -27.94 9.75 -17.32
N GLY A 57 -28.16 8.47 -17.58
CA GLY A 57 -27.26 7.65 -18.40
C GLY A 57 -27.09 8.26 -19.77
N SER A 58 -28.20 8.65 -20.39
CA SER A 58 -28.28 9.16 -21.78
C SER A 58 -27.76 10.61 -21.91
N GLY A 59 -27.68 11.38 -20.83
CA GLY A 59 -27.50 12.84 -20.86
C GLY A 59 -28.82 13.60 -20.87
N GLY A 60 -29.97 12.96 -21.14
CA GLY A 60 -31.27 13.66 -21.25
C GLY A 60 -31.54 14.64 -20.10
N SER A 61 -31.03 14.33 -18.91
CA SER A 61 -31.51 14.90 -17.63
C SER A 61 -30.28 15.24 -16.77
N THR A 62 -30.16 16.46 -16.25
CA THR A 62 -28.96 16.95 -15.51
C THR A 62 -29.42 17.79 -14.32
N TYR A 63 -28.78 17.70 -13.16
CA TYR A 63 -29.21 18.31 -11.86
C TYR A 63 -28.00 19.03 -11.26
N TYR A 64 -28.17 20.09 -10.49
CA TYR A 64 -27.06 20.97 -10.06
C TYR A 64 -27.34 21.56 -8.68
N ALA A 65 -26.36 21.58 -7.79
CA ALA A 65 -26.42 22.33 -6.52
C ALA A 65 -26.56 23.80 -6.87
N ASP A 66 -27.29 24.57 -6.06
CA ASP A 66 -27.46 26.03 -6.26
C ASP A 66 -26.08 26.69 -6.27
N SER A 67 -25.12 26.20 -5.49
CA SER A 67 -23.75 26.77 -5.37
C SER A 67 -23.08 26.81 -6.75
N VAL A 68 -23.52 26.01 -7.73
CA VAL A 68 -22.86 25.96 -9.05
C VAL A 68 -23.80 26.23 -10.23
N LYS A 69 -25.12 26.42 -10.06
CA LYS A 69 -26.04 26.72 -11.20
C LYS A 69 -25.46 27.87 -12.01
N GLY A 70 -25.61 27.83 -13.33
CA GLY A 70 -25.13 28.87 -14.26
C GLY A 70 -23.64 28.75 -14.61
N ARG A 71 -22.80 28.08 -13.79
CA ARG A 71 -21.32 28.12 -13.92
C ARG A 71 -20.77 26.76 -14.39
N PHE A 72 -21.19 25.65 -13.76
CA PHE A 72 -20.65 24.29 -14.06
C PHE A 72 -21.63 23.58 -14.98
N THR A 73 -21.13 22.68 -15.81
CA THR A 73 -21.94 21.88 -16.74
C THR A 73 -21.44 20.43 -16.72
N ILE A 74 -22.27 19.51 -16.26
CA ILE A 74 -22.01 18.05 -16.34
C ILE A 74 -22.45 17.62 -17.75
N SER A 75 -21.68 16.75 -18.38
CA SER A 75 -22.01 16.14 -19.69
C SER A 75 -21.34 14.78 -19.76
N ARG A 76 -21.63 14.05 -20.83
CA ARG A 76 -21.02 12.73 -21.02
C ARG A 76 -20.97 12.33 -22.49
N ASP A 77 -19.94 11.56 -22.83
CA ASP A 77 -19.77 10.94 -24.16
C ASP A 77 -19.90 9.43 -23.95
N ASN A 78 -21.04 8.85 -24.28
CA ASN A 78 -21.35 7.44 -23.96
C ASN A 78 -20.60 6.51 -24.93
N SER A 79 -20.12 7.04 -26.07
CA SER A 79 -19.35 6.27 -27.08
C SER A 79 -17.91 6.11 -26.61
N LYS A 80 -17.46 6.96 -25.67
CA LYS A 80 -16.10 6.95 -25.07
C LYS A 80 -16.17 6.67 -23.57
N ASN A 81 -17.31 6.15 -23.08
CA ASN A 81 -17.56 5.83 -21.65
C ASN A 81 -16.93 6.91 -20.76
N THR A 82 -17.12 8.18 -21.10
CA THR A 82 -16.49 9.29 -20.35
C THR A 82 -17.53 10.28 -19.81
N LEU A 83 -17.30 10.76 -18.60
CA LEU A 83 -18.12 11.75 -17.90
C LEU A 83 -17.26 12.99 -17.73
N TYR A 84 -17.86 14.18 -17.80
CA TYR A 84 -17.13 15.46 -17.69
C TYR A 84 -17.81 16.38 -16.69
N LEU A 85 -17.01 17.29 -16.15
CA LEU A 85 -17.50 18.50 -15.46
C LEU A 85 -16.77 19.72 -16.04
N GLN A 86 -17.46 20.48 -16.89
CA GLN A 86 -16.94 21.77 -17.40
C GLN A 86 -17.18 22.82 -16.31
N MET A 87 -16.13 23.34 -15.70
CA MET A 87 -16.26 24.33 -14.60
C MET A 87 -15.85 25.73 -15.07
N ASN A 88 -16.81 26.64 -15.25
CA ASN A 88 -16.61 28.02 -15.75
C ASN A 88 -16.81 29.00 -14.58
N SER A 89 -16.38 30.25 -14.73
CA SER A 89 -16.51 31.35 -13.74
C SER A 89 -16.09 30.84 -12.35
N LEU A 90 -14.97 30.15 -12.26
CA LEU A 90 -14.51 29.59 -10.96
C LEU A 90 -14.19 30.73 -9.99
N ARG A 91 -14.41 30.48 -8.70
CA ARG A 91 -14.16 31.42 -7.57
C ARG A 91 -13.27 30.68 -6.58
N ALA A 92 -12.70 31.37 -5.59
CA ALA A 92 -11.77 30.76 -4.57
C ALA A 92 -12.47 29.61 -3.80
N GLU A 93 -13.77 29.78 -3.52
CA GLU A 93 -14.69 28.88 -2.78
C GLU A 93 -14.84 27.57 -3.53
N ASP A 94 -14.55 27.52 -4.83
CA ASP A 94 -14.63 26.24 -5.57
C ASP A 94 -13.37 25.39 -5.33
N THR A 95 -12.38 25.91 -4.59
CA THR A 95 -11.12 25.21 -4.24
C THR A 95 -11.47 23.99 -3.41
N ALA A 96 -11.28 22.79 -3.98
CA ALA A 96 -11.70 21.53 -3.33
C ALA A 96 -11.14 20.32 -4.06
N VAL A 97 -11.12 19.16 -3.39
CA VAL A 97 -10.97 17.86 -4.09
C VAL A 97 -12.33 17.50 -4.68
N TYR A 98 -12.35 17.20 -5.97
CA TYR A 98 -13.56 16.84 -6.77
C TYR A 98 -13.47 15.34 -7.08
N TYR A 99 -14.47 14.54 -6.69
CA TYR A 99 -14.62 13.12 -7.05
C TYR A 99 -15.75 13.01 -8.07
N CYS A 100 -15.64 12.09 -9.00
CA CYS A 100 -16.81 11.54 -9.71
C CYS A 100 -17.27 10.30 -8.93
N ALA A 101 -18.54 9.88 -9.09
CA ALA A 101 -19.09 8.63 -8.52
C ALA A 101 -20.24 8.09 -9.38
N ARG A 102 -20.42 6.79 -9.39
CA ARG A 102 -21.60 6.18 -10.04
C ARG A 102 -22.75 6.26 -9.05
N LEU A 103 -23.97 6.52 -9.54
CA LEU A 103 -25.20 6.64 -8.72
C LEU A 103 -26.16 5.53 -9.13
N ARG A 104 -26.38 4.58 -8.23
CA ARG A 104 -27.23 3.39 -8.43
C ARG A 104 -28.46 3.56 -7.56
N ALA A 105 -29.51 2.79 -7.84
CA ALA A 105 -30.80 2.82 -7.11
C ALA A 105 -31.28 1.40 -6.91
N ASP A 106 -31.52 0.98 -5.66
CA ASP A 106 -32.03 -0.39 -5.38
C ASP A 106 -33.37 -0.26 -4.64
N LEU A 107 -33.36 0.32 -3.45
CA LEU A 107 -34.56 0.82 -2.72
C LEU A 107 -34.42 2.32 -2.64
N GLY A 108 -33.20 2.78 -2.37
CA GLY A 108 -32.84 4.20 -2.44
C GLY A 108 -31.68 4.43 -3.39
N LEU A 109 -31.14 5.65 -3.31
CA LEU A 109 -29.93 6.06 -4.01
C LEU A 109 -28.69 5.79 -3.16
N TYR A 110 -27.61 5.43 -3.83
CA TYR A 110 -26.26 5.26 -3.25
C TYR A 110 -25.19 5.50 -4.32
N MET A 111 -24.09 6.12 -3.90
CA MET A 111 -22.87 6.27 -4.71
C MET A 111 -21.88 5.17 -4.27
N ASP A 112 -21.73 4.12 -5.10
CA ASP A 112 -20.99 2.87 -4.78
C ASP A 112 -19.55 2.97 -5.27
N LEU A 113 -19.36 3.49 -6.48
CA LEU A 113 -18.07 3.50 -7.21
C LEU A 113 -17.58 4.94 -7.34
N TRP A 114 -16.38 5.22 -6.85
CA TRP A 114 -15.77 6.58 -6.74
C TRP A 114 -14.44 6.65 -7.54
N GLY A 115 -14.14 7.81 -8.09
CA GLY A 115 -12.79 8.13 -8.59
C GLY A 115 -11.89 8.55 -7.42
N ARG A 116 -10.58 8.60 -7.66
CA ARG A 116 -9.53 8.87 -6.65
C ARG A 116 -9.63 10.32 -6.18
N GLY A 117 -10.19 11.21 -7.01
CA GLY A 117 -10.29 12.65 -6.72
C GLY A 117 -9.09 13.45 -7.23
N THR A 118 -9.32 14.68 -7.66
CA THR A 118 -8.33 15.61 -8.23
C THR A 118 -8.50 16.97 -7.55
N LEU A 119 -7.41 17.59 -7.11
CA LEU A 119 -7.45 18.91 -6.42
C LEU A 119 -7.65 20.02 -7.47
N VAL A 120 -8.59 20.94 -7.19
CA VAL A 120 -8.86 22.11 -8.04
C VAL A 120 -8.57 23.34 -7.18
N THR A 121 -7.54 24.10 -7.53
CA THR A 121 -7.08 25.28 -6.77
C THR A 121 -7.44 26.51 -7.61
N VAL A 122 -8.17 27.45 -7.04
CA VAL A 122 -8.59 28.69 -7.73
C VAL A 122 -7.92 29.85 -7.00
N SER A 123 -6.92 30.44 -7.62
CA SER A 123 -6.00 31.41 -7.01
C SER A 123 -5.44 32.28 -8.14
N SER A 124 -5.11 33.53 -7.79
CA SER A 124 -4.39 34.50 -8.66
C SER A 124 -2.86 34.20 -8.64
N ALA A 125 -2.41 33.36 -7.73
CA ALA A 125 -0.96 33.12 -7.52
C ALA A 125 -0.50 32.18 -8.63
N SER A 126 0.78 32.27 -8.99
CA SER A 126 1.43 31.53 -10.11
C SER A 126 1.85 30.14 -9.63
N THR A 127 1.72 29.17 -10.53
CA THR A 127 2.51 27.91 -10.54
C THR A 127 3.98 28.23 -10.28
N LYS A 128 4.55 27.54 -9.30
CA LYS A 128 6.02 27.54 -9.09
C LYS A 128 6.42 26.08 -8.83
N GLY A 129 7.35 25.56 -9.61
CA GLY A 129 8.01 24.26 -9.35
C GLY A 129 8.99 24.36 -8.16
N PRO A 130 9.20 23.23 -7.44
CA PRO A 130 10.08 23.21 -6.28
C PRO A 130 11.56 23.11 -6.64
N SER A 131 12.42 23.67 -5.80
CA SER A 131 13.84 23.27 -5.66
C SER A 131 13.92 21.94 -4.89
N VAL A 132 14.80 21.03 -5.29
CA VAL A 132 14.93 19.71 -4.63
C VAL A 132 16.34 19.59 -4.04
N PHE A 133 16.48 19.44 -2.72
CA PHE A 133 17.78 19.35 -2.02
C PHE A 133 17.94 17.96 -1.40
N PRO A 134 19.16 17.36 -1.44
CA PRO A 134 19.40 16.06 -0.81
C PRO A 134 19.64 16.27 0.69
N LEU A 135 18.98 15.45 1.49
CA LEU A 135 19.10 15.43 2.97
C LEU A 135 19.96 14.23 3.32
N ALA A 136 21.24 14.46 3.49
CA ALA A 136 22.21 13.38 3.61
C ALA A 136 22.27 12.98 5.07
N PRO A 137 22.41 11.65 5.31
CA PRO A 137 22.58 11.11 6.65
C PRO A 137 23.90 11.61 7.26
N SER A 138 23.82 12.17 8.47
CA SER A 138 25.01 12.69 9.23
C SER A 138 26.03 11.55 9.39
N SER A 139 27.34 11.88 9.34
CA SER A 139 28.52 11.02 9.61
C SER A 139 28.23 10.07 10.80
N LYS A 140 27.67 10.64 11.88
CA LYS A 140 27.36 9.96 13.18
C LYS A 140 26.27 8.89 13.00
N SER A 141 25.07 9.27 12.54
CA SER A 141 23.87 8.40 12.41
C SER A 141 24.11 7.18 11.52
N THR A 142 25.30 7.02 10.90
CA THR A 142 25.66 5.92 9.96
C THR A 142 26.46 4.84 10.70
N SER A 143 27.65 5.14 11.25
CA SER A 143 28.42 4.28 12.19
C SER A 143 27.51 3.79 13.35
N GLY A 144 26.70 2.77 13.11
CA GLY A 144 25.49 2.38 13.89
C GLY A 144 24.48 1.74 12.96
N GLY A 145 23.26 1.46 13.40
CA GLY A 145 22.41 0.45 12.72
C GLY A 145 21.86 0.89 11.36
N THR A 146 21.17 2.02 11.36
CA THR A 146 20.34 2.43 10.21
C THR A 146 20.63 3.88 9.91
N ALA A 147 20.22 4.31 8.72
CA ALA A 147 20.43 5.69 8.26
C ALA A 147 19.14 6.20 7.66
N ALA A 148 18.81 7.41 8.05
CA ALA A 148 17.73 8.24 7.49
C ALA A 148 18.35 9.17 6.45
N LEU A 149 17.93 9.03 5.21
CA LEU A 149 18.27 9.99 4.13
C LEU A 149 16.97 10.55 3.55
N GLY A 150 17.03 11.72 2.90
CA GLY A 150 15.80 12.37 2.39
C GLY A 150 16.00 13.40 1.28
N CYS A 151 14.88 13.88 0.76
CA CYS A 151 14.77 14.97 -0.24
C CYS A 151 13.87 16.03 0.34
N LEU A 152 14.39 17.25 0.48
CA LEU A 152 13.65 18.51 0.77
C LEU A 152 13.12 19.03 -0.56
N VAL A 153 11.80 19.12 -0.67
CA VAL A 153 11.08 19.58 -1.88
C VAL A 153 10.52 20.94 -1.50
N LYS A 154 11.22 22.01 -1.88
CA LYS A 154 11.09 23.37 -1.30
C LYS A 154 10.42 24.32 -2.30
N ASP A 155 9.48 25.11 -1.76
CA ASP A 155 8.91 26.39 -2.32
C ASP A 155 8.19 26.08 -3.64
N TYR A 156 7.08 25.30 -3.58
CA TYR A 156 6.23 24.96 -4.75
C TYR A 156 4.79 25.46 -4.53
N PHE A 157 3.98 25.47 -5.60
CA PHE A 157 2.55 25.88 -5.61
C PHE A 157 1.92 25.50 -6.95
N PRO A 158 0.73 24.89 -7.03
CA PRO A 158 -0.04 24.44 -5.88
C PRO A 158 0.31 22.98 -5.49
N GLU A 159 -0.33 22.40 -4.48
CA GLU A 159 -0.31 20.92 -4.32
C GLU A 159 -0.90 20.27 -5.57
N PRO A 160 -0.64 18.97 -5.84
CA PRO A 160 0.31 18.15 -5.08
C PRO A 160 1.65 17.79 -5.76
N VAL A 161 2.58 17.25 -4.97
CA VAL A 161 3.82 16.56 -5.47
C VAL A 161 3.77 15.09 -5.04
N THR A 162 4.24 14.18 -5.90
CA THR A 162 4.56 12.78 -5.51
C THR A 162 6.09 12.64 -5.36
N VAL A 163 6.54 11.84 -4.39
CA VAL A 163 7.97 11.48 -4.25
C VAL A 163 8.10 9.95 -4.32
N SER A 164 9.03 9.44 -5.12
CA SER A 164 9.41 8.01 -5.21
C SER A 164 10.87 7.85 -4.79
N TRP A 165 11.29 6.62 -4.55
CA TRP A 165 12.73 6.34 -4.42
C TRP A 165 13.15 5.24 -5.41
N ASN A 166 14.29 5.49 -6.08
CA ASN A 166 14.95 4.49 -6.94
C ASN A 166 13.94 4.04 -8.00
N SER A 167 13.23 5.00 -8.57
CA SER A 167 12.29 4.84 -9.72
C SER A 167 11.07 3.99 -9.29
N GLY A 168 10.75 3.99 -7.99
CA GLY A 168 9.63 3.21 -7.43
C GLY A 168 10.03 1.83 -6.90
N ALA A 169 11.26 1.39 -7.12
CA ALA A 169 11.77 0.05 -6.71
C ALA A 169 11.93 -0.02 -5.19
N LEU A 170 12.09 1.11 -4.50
CA LEU A 170 12.26 1.19 -3.03
C LEU A 170 11.03 1.87 -2.41
N THR A 171 10.17 1.06 -1.78
CA THR A 171 8.89 1.47 -1.15
C THR A 171 9.01 1.27 0.37
N SER A 172 9.57 0.15 0.78
CA SER A 172 9.82 -0.14 2.21
C SER A 172 10.67 0.97 2.85
N GLY A 173 10.24 1.57 3.97
CA GLY A 173 11.06 2.49 4.79
C GLY A 173 10.73 3.95 4.53
N VAL A 174 9.91 4.22 3.51
CA VAL A 174 9.62 5.57 2.96
C VAL A 174 8.52 6.25 3.77
N HIS A 175 8.80 7.37 4.41
CA HIS A 175 7.78 8.28 4.98
C HIS A 175 7.88 9.60 4.19
N THR A 176 6.95 9.88 3.29
CA THR A 176 6.77 11.24 2.70
C THR A 176 5.89 12.07 3.64
N PHE A 177 6.36 13.18 4.17
CA PHE A 177 5.60 14.01 5.13
C PHE A 177 4.62 14.90 4.38
N PRO A 178 3.44 15.20 4.97
CA PRO A 178 2.58 16.24 4.42
C PRO A 178 3.29 17.60 4.42
N ALA A 179 2.95 18.43 3.41
CA ALA A 179 3.56 19.74 3.17
C ALA A 179 3.24 20.73 4.27
N VAL A 180 4.15 21.63 4.62
CA VAL A 180 3.84 22.85 5.41
C VAL A 180 3.48 23.95 4.41
N LEU A 181 2.62 24.89 4.80
CA LEU A 181 2.22 26.06 3.99
C LEU A 181 2.78 27.32 4.64
N GLN A 182 3.82 27.91 4.04
CA GLN A 182 4.61 29.04 4.62
C GLN A 182 3.79 30.32 4.53
N SER A 183 4.17 31.35 5.29
CA SER A 183 3.56 32.71 5.23
C SER A 183 3.67 33.26 3.80
N SER A 184 4.62 32.76 3.03
CA SER A 184 4.83 33.08 1.60
C SER A 184 3.68 32.53 0.74
N GLY A 185 2.88 31.62 1.24
CA GLY A 185 1.82 30.99 0.41
C GLY A 185 2.35 29.86 -0.46
N LEU A 186 3.63 29.49 -0.30
CA LEU A 186 4.25 28.32 -0.97
C LEU A 186 4.39 27.15 0.00
N TYR A 187 4.39 25.93 -0.56
CA TYR A 187 4.49 24.61 0.12
C TYR A 187 5.93 24.09 0.06
N SER A 188 6.42 23.56 1.17
CA SER A 188 7.63 22.68 1.27
C SER A 188 7.20 21.35 1.92
N LEU A 189 7.69 20.22 1.42
CA LEU A 189 7.56 18.92 2.10
C LEU A 189 8.91 18.21 2.10
N SER A 190 9.07 17.16 2.92
CA SER A 190 10.28 16.30 2.94
C SER A 190 9.85 14.85 2.81
N SER A 191 10.62 14.01 2.14
CA SER A 191 10.43 12.55 2.11
C SER A 191 11.71 11.92 2.65
N VAL A 192 11.60 10.97 3.57
CA VAL A 192 12.77 10.31 4.24
C VAL A 192 12.62 8.81 4.02
N VAL A 193 13.76 8.14 4.01
CA VAL A 193 13.78 6.65 3.99
C VAL A 193 14.88 6.21 4.94
N THR A 194 14.55 5.21 5.75
CA THR A 194 15.51 4.49 6.60
C THR A 194 16.00 3.26 5.83
N VAL A 195 17.32 3.13 5.84
CA VAL A 195 18.04 2.06 5.10
C VAL A 195 19.09 1.52 6.07
N PRO A 196 19.54 0.27 5.80
CA PRO A 196 20.66 -0.29 6.53
C PRO A 196 21.86 0.62 6.24
N SER A 197 22.48 1.12 7.30
CA SER A 197 23.77 1.87 7.27
C SER A 197 24.82 1.18 6.38
N SER A 198 24.90 -0.14 6.41
CA SER A 198 25.89 -0.95 5.64
C SER A 198 25.62 -0.84 4.14
N SER A 199 24.42 -0.49 3.70
CA SER A 199 24.10 -0.43 2.25
C SER A 199 24.59 0.89 1.63
N LEU A 200 24.97 1.90 2.43
CA LEU A 200 25.32 3.27 1.96
C LEU A 200 26.57 3.27 1.08
N GLY A 201 27.50 2.36 1.30
CA GLY A 201 28.75 2.33 0.55
C GLY A 201 28.56 1.60 -0.76
N THR A 202 27.44 0.93 -1.01
CA THR A 202 27.27 0.09 -2.23
C THR A 202 26.00 0.44 -2.99
N GLN A 203 25.09 1.23 -2.43
CA GLN A 203 23.73 1.43 -3.02
C GLN A 203 23.51 2.91 -3.25
N THR A 204 22.90 3.14 -4.41
CA THR A 204 22.49 4.46 -4.96
C THR A 204 21.09 4.77 -4.45
N TYR A 205 20.90 5.91 -3.77
CA TYR A 205 19.58 6.42 -3.32
C TYR A 205 19.26 7.69 -4.12
N ILE A 206 18.30 7.53 -5.03
CA ILE A 206 17.71 8.57 -5.91
C ILE A 206 16.27 8.82 -5.42
N CYS A 207 15.91 10.06 -5.06
CA CYS A 207 14.47 10.43 -4.95
C CYS A 207 13.99 11.02 -6.27
N ASN A 208 12.80 10.60 -6.67
CA ASN A 208 12.09 10.98 -7.92
C ASN A 208 10.91 11.89 -7.56
N VAL A 209 11.06 13.18 -7.84
CA VAL A 209 10.11 14.25 -7.44
C VAL A 209 9.32 14.72 -8.68
N ASN A 210 8.02 14.48 -8.68
CA ASN A 210 7.06 14.87 -9.75
C ASN A 210 6.11 15.94 -9.18
N HIS A 211 6.16 17.15 -9.74
CA HIS A 211 5.18 18.26 -9.54
C HIS A 211 4.50 18.58 -10.88
N LYS A 212 3.42 17.85 -11.22
CA LYS A 212 2.74 17.88 -12.54
C LYS A 212 2.37 19.30 -12.95
N PRO A 213 1.81 20.15 -12.05
CA PRO A 213 1.46 21.53 -12.40
C PRO A 213 2.58 22.38 -13.00
N SER A 214 3.84 22.21 -12.57
CA SER A 214 5.04 22.92 -13.10
C SER A 214 5.76 22.10 -14.17
N ASN A 215 5.27 20.90 -14.50
CA ASN A 215 5.97 19.91 -15.38
C ASN A 215 7.36 19.58 -14.84
N THR A 216 7.57 19.65 -13.52
CA THR A 216 8.84 19.24 -12.84
C THR A 216 8.84 17.72 -12.65
N LYS A 217 9.83 17.07 -13.24
CA LYS A 217 10.12 15.62 -13.18
C LYS A 217 11.60 15.55 -12.87
N VAL A 218 12.00 15.59 -11.59
CA VAL A 218 13.41 15.72 -11.13
C VAL A 218 13.86 14.40 -10.48
N ASP A 219 15.14 14.07 -10.64
CA ASP A 219 15.82 12.91 -10.01
C ASP A 219 16.98 13.48 -9.19
N LYS A 220 17.12 13.13 -7.92
CA LYS A 220 18.22 13.70 -7.11
C LYS A 220 18.88 12.54 -6.36
N ARG A 221 20.19 12.43 -6.48
CA ARG A 221 21.01 11.40 -5.83
C ARG A 221 21.27 11.94 -4.42
N VAL A 222 21.08 11.10 -3.40
CA VAL A 222 21.39 11.49 -2.00
C VAL A 222 22.53 10.61 -1.57
N GLU A 223 23.67 11.20 -1.19
CA GLU A 223 24.88 10.40 -0.83
C GLU A 223 25.37 10.80 0.54
N PRO A 224 26.03 9.88 1.25
CA PRO A 224 26.37 10.11 2.65
C PRO A 224 27.43 11.21 2.86
N LYS A 225 27.27 12.02 3.93
CA LYS A 225 28.22 13.07 4.36
C LYS A 225 29.56 12.43 4.75
N SER A 226 30.68 13.09 4.43
CA SER A 226 32.06 12.73 4.87
C SER A 226 32.69 13.81 5.78
N CYS A 227 32.25 15.08 5.69
CA CYS A 227 32.82 16.27 6.40
C CYS A 227 33.19 15.89 7.84
N ASP A 228 34.42 16.22 8.26
CA ASP A 228 35.10 15.78 9.52
C ASP A 228 35.26 14.26 9.50
N GLU B 5 9.49 4.96 14.67
CA GLU B 5 9.18 3.53 14.32
C GLU B 5 10.41 2.65 14.67
N VAL B 6 10.16 1.45 15.18
CA VAL B 6 11.20 0.43 15.48
C VAL B 6 11.00 -0.72 14.48
N GLN B 7 12.03 -1.08 13.73
CA GLN B 7 11.89 -2.03 12.60
C GLN B 7 13.22 -2.75 12.32
N LEU B 8 13.11 -3.80 11.51
CA LEU B 8 14.21 -4.74 11.21
C LEU B 8 14.41 -4.76 9.70
N LEU B 9 15.50 -4.13 9.26
CA LEU B 9 15.83 -3.97 7.83
C LEU B 9 16.77 -5.10 7.40
N GLU B 10 16.23 -5.98 6.59
CA GLU B 10 16.89 -7.20 6.12
C GLU B 10 17.55 -6.94 4.77
N SER B 11 18.77 -7.46 4.60
CA SER B 11 19.63 -7.38 3.40
C SER B 11 20.35 -8.72 3.27
N GLY B 12 20.55 -9.20 2.05
CA GLY B 12 21.68 -10.08 1.77
C GLY B 12 21.30 -11.40 1.15
N GLY B 13 20.07 -11.56 0.65
CA GLY B 13 19.70 -12.81 -0.02
C GLY B 13 20.30 -12.93 -1.41
N GLY B 14 19.96 -13.99 -2.13
CA GLY B 14 20.23 -14.12 -3.56
C GLY B 14 20.47 -15.56 -3.95
N LEU B 15 20.97 -15.73 -5.19
CA LEU B 15 21.44 -16.98 -5.81
C LEU B 15 22.86 -17.29 -5.35
N VAL B 16 23.14 -18.56 -5.08
CA VAL B 16 24.45 -19.12 -4.63
C VAL B 16 24.45 -20.58 -5.07
N GLN B 17 25.63 -21.11 -5.39
CA GLN B 17 25.81 -22.49 -5.88
C GLN B 17 25.78 -23.44 -4.67
N PRO B 18 25.32 -24.71 -4.82
CA PRO B 18 25.55 -25.75 -3.81
C PRO B 18 27.01 -25.70 -3.36
N GLY B 19 27.25 -25.73 -2.05
CA GLY B 19 28.58 -25.63 -1.42
C GLY B 19 28.86 -24.21 -0.98
N GLY B 20 28.22 -23.24 -1.64
CA GLY B 20 28.52 -21.80 -1.46
C GLY B 20 28.04 -21.25 -0.14
N SER B 21 28.32 -19.95 0.12
CA SER B 21 27.98 -19.19 1.35
C SER B 21 27.17 -17.92 1.01
N LEU B 22 26.34 -17.45 1.96
CA LEU B 22 25.61 -16.14 1.96
C LEU B 22 25.55 -15.57 3.38
N ARG B 23 25.62 -14.26 3.49
CA ARG B 23 25.50 -13.55 4.79
C ARG B 23 24.21 -12.73 4.77
N LEU B 24 23.25 -13.06 5.67
CA LEU B 24 22.04 -12.24 5.90
C LEU B 24 22.32 -11.26 7.03
N SER B 25 21.97 -10.01 6.80
CA SER B 25 22.04 -8.88 7.75
C SER B 25 20.61 -8.53 8.16
N CYS B 26 20.47 -7.87 9.29
CA CYS B 26 19.17 -7.37 9.77
C CYS B 26 19.51 -6.23 10.75
N ALA B 27 19.30 -4.99 10.30
CA ALA B 27 19.67 -3.79 11.07
C ALA B 27 18.44 -3.30 11.85
N ALA B 28 18.66 -2.71 13.02
CA ALA B 28 17.57 -2.35 13.94
C ALA B 28 17.65 -0.87 14.33
N SER B 29 16.52 -0.19 14.23
CA SER B 29 16.36 1.27 14.50
C SER B 29 15.92 1.47 15.96
N GLY B 30 16.85 1.79 16.87
CA GLY B 30 16.56 2.11 18.28
C GLY B 30 17.44 1.37 19.26
N PHE B 31 17.63 1.93 20.46
CA PHE B 31 18.69 1.63 21.47
C PHE B 31 18.55 0.21 22.07
N THR B 32 17.36 -0.39 22.08
CA THR B 32 17.07 -1.59 22.92
C THR B 32 17.61 -2.88 22.29
N PHE B 33 18.04 -2.88 21.03
CA PHE B 33 18.36 -4.13 20.29
C PHE B 33 19.26 -5.09 21.10
N ARG B 34 20.20 -4.60 21.92
CA ARG B 34 21.26 -5.43 22.57
C ARG B 34 20.70 -6.19 23.77
N TYR B 35 19.42 -5.95 24.10
CA TYR B 35 18.77 -6.43 25.33
C TYR B 35 17.80 -7.58 25.01
N ASP B 36 17.48 -7.79 23.74
CA ASP B 36 16.45 -8.78 23.32
C ASP B 36 17.11 -9.88 22.50
N TYR B 37 16.72 -11.14 22.71
CA TYR B 37 17.07 -12.27 21.82
C TYR B 37 16.54 -11.87 20.44
N HIS B 38 17.19 -12.31 19.36
CA HIS B 38 16.64 -12.31 17.99
C HIS B 38 16.82 -13.70 17.39
N VAL B 39 16.09 -13.99 16.34
CA VAL B 39 16.11 -15.33 15.69
C VAL B 39 16.11 -15.17 14.18
N TRP B 40 16.28 -16.29 13.48
CA TRP B 40 16.10 -16.41 12.03
C TRP B 40 15.11 -17.54 11.84
N VAL B 41 14.08 -17.29 11.05
CA VAL B 41 13.05 -18.27 10.64
C VAL B 41 13.07 -18.27 9.12
N ARG B 42 12.81 -19.41 8.51
CA ARG B 42 12.75 -19.50 7.04
C ARG B 42 11.45 -20.16 6.60
N GLN B 43 11.08 -19.97 5.33
CA GLN B 43 9.94 -20.66 4.69
C GLN B 43 10.21 -20.93 3.21
N ALA B 44 10.42 -22.20 2.88
CA ALA B 44 10.44 -22.75 1.50
C ALA B 44 9.09 -22.41 0.90
N PRO B 45 9.00 -22.16 -0.43
CA PRO B 45 7.76 -21.67 -1.03
C PRO B 45 6.71 -22.80 -1.04
N GLY B 46 5.44 -22.48 -0.71
CA GLY B 46 4.34 -23.46 -0.54
C GLY B 46 4.28 -24.05 0.88
N LYS B 47 5.43 -24.25 1.53
CA LYS B 47 5.69 -24.92 2.83
C LYS B 47 5.56 -23.94 4.01
N GLY B 48 5.84 -24.46 5.22
CA GLY B 48 5.58 -23.78 6.50
C GLY B 48 6.81 -23.10 7.07
N LEU B 49 6.68 -22.51 8.26
CA LEU B 49 7.77 -21.87 9.02
C LEU B 49 8.62 -22.92 9.73
N GLU B 50 9.92 -22.73 9.64
CA GLU B 50 11.00 -23.51 10.30
C GLU B 50 11.94 -22.52 10.97
N TRP B 51 11.85 -22.43 12.29
CA TRP B 51 12.88 -21.74 13.09
C TRP B 51 14.21 -22.41 12.78
N VAL B 52 15.29 -21.63 12.86
CA VAL B 52 16.61 -22.00 12.29
C VAL B 52 17.68 -21.68 13.31
N SER B 53 17.61 -20.51 13.94
CA SER B 53 18.69 -20.12 14.88
C SER B 53 18.20 -19.04 15.84
N ALA B 54 18.89 -18.84 16.96
CA ALA B 54 18.55 -17.76 17.92
C ALA B 54 19.80 -17.31 18.67
N ILE B 55 19.83 -16.08 19.17
CA ILE B 55 21.01 -15.56 19.90
C ILE B 55 20.54 -14.65 21.05
N SER B 56 21.17 -14.76 22.23
CA SER B 56 20.92 -13.87 23.40
C SER B 56 21.39 -12.47 23.02
N GLY B 57 20.98 -11.49 23.83
CA GLY B 57 21.22 -10.05 23.56
C GLY B 57 22.69 -9.79 23.30
N SER B 58 23.59 -10.47 24.01
CA SER B 58 25.04 -10.20 23.90
C SER B 58 25.84 -11.46 23.57
N GLY B 59 25.27 -12.39 22.79
CA GLY B 59 25.94 -13.57 22.21
C GLY B 59 26.20 -14.70 23.21
N GLY B 60 26.16 -14.42 24.51
CA GLY B 60 26.35 -15.41 25.61
C GLY B 60 25.87 -16.82 25.32
N SER B 61 24.73 -16.96 24.64
CA SER B 61 24.12 -18.24 24.19
C SER B 61 23.63 -18.10 22.74
N THR B 62 23.68 -19.19 21.99
CA THR B 62 23.20 -19.32 20.60
C THR B 62 22.59 -20.73 20.43
N TYR B 63 21.53 -20.88 19.66
CA TYR B 63 20.75 -22.14 19.52
C TYR B 63 20.55 -22.40 18.03
N TYR B 64 20.43 -23.65 17.57
CA TYR B 64 20.36 -24.00 16.14
C TYR B 64 19.43 -25.19 15.93
N ALA B 65 18.59 -25.14 14.90
CA ALA B 65 17.88 -26.31 14.34
C ALA B 65 18.92 -27.35 13.93
N ASP B 66 18.59 -28.63 14.06
CA ASP B 66 19.49 -29.75 13.68
C ASP B 66 19.78 -29.63 12.17
N SER B 67 18.76 -29.22 11.40
CA SER B 67 18.84 -29.09 9.92
C SER B 67 19.99 -28.15 9.54
N VAL B 68 20.51 -27.30 10.43
CA VAL B 68 21.58 -26.32 10.06
C VAL B 68 22.83 -26.40 10.94
N LYS B 69 22.90 -27.23 11.98
CA LYS B 69 24.09 -27.28 12.90
C LYS B 69 25.33 -27.53 12.03
N GLY B 70 26.45 -26.89 12.41
CA GLY B 70 27.74 -27.02 11.71
C GLY B 70 27.86 -26.15 10.47
N ARG B 71 26.76 -25.66 9.88
CA ARG B 71 26.76 -24.96 8.58
C ARG B 71 26.45 -23.47 8.75
N PHE B 72 25.39 -23.11 9.50
CA PHE B 72 24.98 -21.70 9.69
C PHE B 72 25.53 -21.21 11.03
N THR B 73 25.81 -19.94 11.12
CA THR B 73 26.32 -19.30 12.36
C THR B 73 25.58 -17.97 12.56
N ILE B 74 24.80 -17.86 13.63
CA ILE B 74 24.14 -16.59 14.03
C ILE B 74 25.18 -15.79 14.83
N SER B 75 25.24 -14.49 14.62
CA SER B 75 26.10 -13.57 15.40
C SER B 75 25.45 -12.19 15.41
N ARG B 76 26.05 -11.25 16.14
CA ARG B 76 25.51 -9.89 16.19
C ARG B 76 26.62 -8.89 16.55
N ASP B 77 26.49 -7.68 16.01
CA ASP B 77 27.33 -6.52 16.36
C ASP B 77 26.43 -5.51 17.07
N ASN B 78 26.47 -5.47 18.40
CA ASN B 78 25.53 -4.67 19.22
C ASN B 78 25.91 -3.18 19.10
N SER B 79 27.13 -2.84 18.67
CA SER B 79 27.59 -1.44 18.49
C SER B 79 27.01 -0.86 17.20
N LYS B 80 26.57 -1.73 16.29
CA LYS B 80 25.95 -1.39 14.97
C LYS B 80 24.50 -1.90 14.94
N ASN B 81 23.87 -2.16 16.09
CA ASN B 81 22.50 -2.73 16.19
C ASN B 81 22.19 -3.67 15.03
N THR B 82 23.09 -4.61 14.72
CA THR B 82 22.94 -5.51 13.56
C THR B 82 23.02 -6.98 13.97
N LEU B 83 22.20 -7.80 13.35
CA LEU B 83 22.14 -9.26 13.53
C LEU B 83 22.56 -9.89 12.20
N TYR B 84 23.23 -11.03 12.24
CA TYR B 84 23.72 -11.73 11.02
C TYR B 84 23.34 -13.20 11.06
N LEU B 85 23.29 -13.79 9.87
CA LEU B 85 23.28 -15.25 9.68
C LEU B 85 24.32 -15.61 8.63
N GLN B 86 25.47 -16.15 9.05
CA GLN B 86 26.48 -16.65 8.10
C GLN B 86 26.04 -18.04 7.65
N MET B 87 25.67 -18.22 6.38
CA MET B 87 25.16 -19.53 5.90
C MET B 87 26.18 -20.18 4.96
N ASN B 88 26.85 -21.23 5.45
CA ASN B 88 27.98 -21.95 4.79
C ASN B 88 27.45 -23.31 4.32
N SER B 89 28.14 -23.96 3.38
CA SER B 89 27.81 -25.31 2.85
C SER B 89 26.32 -25.36 2.47
N LEU B 90 25.83 -24.36 1.75
CA LEU B 90 24.39 -24.31 1.40
C LEU B 90 24.02 -25.44 0.45
N ARG B 91 22.79 -25.94 0.58
CA ARG B 91 22.22 -27.07 -0.19
C ARG B 91 20.91 -26.57 -0.79
N ALA B 92 20.33 -27.31 -1.73
CA ALA B 92 19.08 -26.94 -2.46
C ALA B 92 17.91 -26.70 -1.49
N GLU B 93 17.83 -27.55 -0.45
CA GLU B 93 16.80 -27.57 0.63
C GLU B 93 16.88 -26.29 1.46
N ASP B 94 17.98 -25.53 1.41
CA ASP B 94 18.04 -24.23 2.14
C ASP B 94 17.32 -23.13 1.36
N THR B 95 16.84 -23.43 0.14
CA THR B 95 16.15 -22.44 -0.74
C THR B 95 14.86 -21.99 -0.04
N ALA B 96 14.78 -20.73 0.41
CA ALA B 96 13.65 -20.26 1.23
C ALA B 96 13.66 -18.75 1.39
N VAL B 97 12.53 -18.18 1.81
CA VAL B 97 12.49 -16.81 2.36
C VAL B 97 12.95 -16.91 3.81
N TYR B 98 13.92 -16.09 4.19
CA TYR B 98 14.54 -16.02 5.54
C TYR B 98 14.06 -14.72 6.17
N TYR B 99 13.41 -14.78 7.32
CA TYR B 99 13.05 -13.59 8.14
C TYR B 99 13.97 -13.56 9.36
N CYS B 100 14.38 -12.39 9.78
CA CYS B 100 14.84 -12.16 11.16
C CYS B 100 13.62 -11.72 11.97
N ALA B 101 13.68 -11.85 13.30
CA ALA B 101 12.59 -11.45 14.20
C ALA B 101 13.16 -11.18 15.59
N ARG B 102 12.52 -10.28 16.31
CA ARG B 102 12.86 -10.09 17.74
C ARG B 102 12.12 -11.15 18.56
N LEU B 103 12.75 -11.68 19.60
CA LEU B 103 12.17 -12.70 20.50
C LEU B 103 12.10 -12.08 21.89
N ARG B 104 10.89 -11.81 22.37
CA ARG B 104 10.62 -11.23 23.71
C ARG B 104 10.24 -12.38 24.65
N ALA B 105 10.50 -12.20 25.95
CA ALA B 105 10.01 -13.09 27.02
C ALA B 105 9.42 -12.22 28.13
N ASP B 106 8.14 -12.36 28.41
CA ASP B 106 7.49 -11.70 29.58
C ASP B 106 7.09 -12.78 30.60
N LEU B 107 6.26 -13.75 30.20
CA LEU B 107 6.01 -15.01 30.95
C LEU B 107 6.58 -16.16 30.11
N GLY B 108 6.41 -16.09 28.80
CA GLY B 108 7.08 -16.99 27.86
C GLY B 108 7.47 -16.26 26.59
N LEU B 109 7.74 -17.03 25.54
CA LEU B 109 8.53 -16.58 24.38
C LEU B 109 7.60 -16.33 23.22
N TYR B 110 7.87 -15.25 22.49
CA TYR B 110 7.04 -14.78 21.37
C TYR B 110 7.86 -13.87 20.45
N MET B 111 7.65 -14.01 19.14
CA MET B 111 8.32 -13.23 18.09
C MET B 111 7.34 -12.14 17.61
N ASP B 112 7.55 -10.90 18.07
CA ASP B 112 6.61 -9.76 17.94
C ASP B 112 6.98 -8.94 16.69
N LEU B 113 8.27 -8.72 16.44
CA LEU B 113 8.79 -7.81 15.38
C LEU B 113 9.54 -8.61 14.32
N TRP B 114 9.15 -8.47 13.06
CA TRP B 114 9.62 -9.26 11.90
C TRP B 114 10.24 -8.35 10.81
N GLY B 115 11.30 -8.82 10.15
CA GLY B 115 11.76 -8.20 8.90
C GLY B 115 10.90 -8.66 7.74
N ARG B 116 11.06 -8.02 6.57
CA ARG B 116 10.21 -8.25 5.39
C ARG B 116 10.55 -9.61 4.78
N GLY B 117 11.76 -10.11 5.03
CA GLY B 117 12.23 -11.37 4.43
C GLY B 117 13.02 -11.13 3.15
N THR B 118 14.00 -11.99 2.87
CA THR B 118 14.86 -11.97 1.67
C THR B 118 14.93 -13.40 1.11
N LEU B 119 14.76 -13.58 -0.19
CA LEU B 119 14.76 -14.92 -0.82
C LEU B 119 16.22 -15.39 -1.00
N VAL B 120 16.49 -16.63 -0.61
CA VAL B 120 17.79 -17.32 -0.77
C VAL B 120 17.55 -18.51 -1.70
N THR B 121 18.16 -18.48 -2.88
CA THR B 121 18.02 -19.52 -3.94
C THR B 121 19.37 -20.25 -4.04
N VAL B 122 19.36 -21.57 -3.94
CA VAL B 122 20.60 -22.40 -3.95
C VAL B 122 20.48 -23.29 -5.18
N SER B 123 21.23 -22.99 -6.22
CA SER B 123 21.08 -23.59 -7.56
C SER B 123 22.41 -23.48 -8.30
N SER B 124 22.62 -24.45 -9.20
CA SER B 124 23.68 -24.54 -10.22
C SER B 124 23.42 -23.56 -11.37
N ALA B 125 22.18 -23.13 -11.53
CA ALA B 125 21.73 -22.38 -12.72
C ALA B 125 22.23 -20.93 -12.58
N SER B 126 22.47 -20.28 -13.72
CA SER B 126 23.04 -18.91 -13.81
C SER B 126 21.93 -17.89 -13.66
N THR B 127 22.29 -16.77 -13.00
CA THR B 127 21.65 -15.46 -13.17
C THR B 127 21.43 -15.17 -14.66
N LYS B 128 20.21 -14.81 -15.00
CA LYS B 128 19.86 -14.25 -16.31
C LYS B 128 18.91 -13.08 -16.02
N GLY B 129 19.24 -11.90 -16.53
CA GLY B 129 18.33 -10.76 -16.56
C GLY B 129 17.26 -10.91 -17.66
N PRO B 130 16.11 -10.23 -17.45
CA PRO B 130 14.97 -10.39 -18.35
C PRO B 130 15.08 -9.49 -19.59
N SER B 131 14.52 -9.96 -20.70
CA SER B 131 14.05 -9.13 -21.84
C SER B 131 12.75 -8.41 -21.43
N VAL B 132 12.58 -7.15 -21.79
CA VAL B 132 11.39 -6.35 -21.41
C VAL B 132 10.71 -5.90 -22.71
N PHE B 133 9.47 -6.32 -22.93
CA PHE B 133 8.67 -5.93 -24.12
C PHE B 133 7.50 -5.04 -23.68
N PRO B 134 7.15 -4.02 -24.49
CA PRO B 134 5.95 -3.23 -24.23
C PRO B 134 4.73 -4.01 -24.75
N LEU B 135 3.71 -4.05 -23.92
CA LEU B 135 2.40 -4.67 -24.24
C LEU B 135 1.42 -3.55 -24.56
N ALA B 136 1.26 -3.33 -25.84
CA ALA B 136 0.56 -2.13 -26.31
C ALA B 136 -0.89 -2.51 -26.49
N PRO B 137 -1.76 -1.57 -26.08
CA PRO B 137 -3.20 -1.68 -26.31
C PRO B 137 -3.48 -1.64 -27.82
N SER B 138 -4.24 -2.60 -28.34
CA SER B 138 -4.79 -2.63 -29.72
C SER B 138 -5.52 -1.30 -30.04
N SER B 139 -5.39 -0.83 -31.29
CA SER B 139 -6.11 0.29 -31.97
C SER B 139 -7.57 0.41 -31.46
N LYS B 140 -8.29 -0.73 -31.42
CA LYS B 140 -9.72 -0.91 -31.04
C LYS B 140 -9.95 -0.47 -29.58
N SER B 141 -9.32 -1.17 -28.63
CA SER B 141 -9.50 -1.00 -27.16
C SER B 141 -9.21 0.43 -26.68
N THR B 142 -8.79 1.35 -27.56
CA THR B 142 -8.44 2.76 -27.22
C THR B 142 -9.68 3.65 -27.41
N SER B 143 -10.10 3.89 -28.67
CA SER B 143 -11.23 4.78 -29.06
C SER B 143 -12.26 4.89 -27.94
N GLY B 144 -12.78 3.74 -27.44
CA GLY B 144 -13.84 3.62 -26.43
C GLY B 144 -13.40 3.81 -24.97
N GLY B 145 -12.32 4.53 -24.65
CA GLY B 145 -12.29 5.33 -23.41
C GLY B 145 -11.35 4.88 -22.30
N THR B 146 -11.01 3.60 -22.14
CA THR B 146 -9.89 3.20 -21.24
C THR B 146 -8.91 2.35 -22.01
N ALA B 147 -7.66 2.34 -21.60
CA ALA B 147 -6.61 1.53 -22.26
C ALA B 147 -5.83 0.76 -21.20
N ALA B 148 -5.65 -0.53 -21.47
CA ALA B 148 -4.77 -1.42 -20.70
C ALA B 148 -3.42 -1.48 -21.43
N LEU B 149 -2.35 -1.06 -20.78
CA LEU B 149 -1.00 -1.22 -21.33
C LEU B 149 -0.12 -1.95 -20.31
N GLY B 150 0.90 -2.67 -20.78
CA GLY B 150 1.74 -3.49 -19.90
C GLY B 150 3.17 -3.70 -20.37
N CYS B 151 3.96 -4.33 -19.51
CA CYS B 151 5.36 -4.76 -19.71
C CYS B 151 5.41 -6.26 -19.48
N LEU B 152 5.83 -7.00 -20.50
CA LEU B 152 6.26 -8.41 -20.42
C LEU B 152 7.72 -8.42 -19.97
N VAL B 153 7.98 -9.06 -18.84
CA VAL B 153 9.32 -9.17 -18.22
C VAL B 153 9.67 -10.65 -18.33
N LYS B 154 10.41 -11.00 -19.38
CA LYS B 154 10.55 -12.37 -19.92
C LYS B 154 11.95 -12.95 -19.60
N ASP B 155 11.93 -14.24 -19.20
CA ASP B 155 13.04 -15.22 -19.18
C ASP B 155 14.13 -14.73 -18.20
N TYR B 156 13.83 -14.64 -16.90
CA TYR B 156 14.79 -14.21 -15.85
C TYR B 156 14.97 -15.32 -14.81
N PHE B 157 16.04 -15.21 -14.01
CA PHE B 157 16.41 -16.16 -12.91
C PHE B 157 17.47 -15.51 -12.02
N PRO B 158 17.37 -15.57 -10.68
CA PRO B 158 16.19 -16.06 -9.97
C PRO B 158 15.15 -14.95 -9.68
N GLU B 159 14.07 -15.24 -8.97
CA GLU B 159 13.24 -14.19 -8.32
C GLU B 159 14.12 -13.39 -7.35
N PRO B 160 13.74 -12.13 -6.98
CA PRO B 160 12.57 -11.42 -7.52
C PRO B 160 12.82 -10.27 -8.55
N VAL B 161 11.73 -9.78 -9.15
CA VAL B 161 11.65 -8.55 -10.00
C VAL B 161 10.74 -7.53 -9.29
N THR B 162 11.07 -6.24 -9.26
CA THR B 162 10.11 -5.15 -8.96
C THR B 162 9.77 -4.44 -10.28
N VAL B 163 8.51 -4.04 -10.45
CA VAL B 163 8.00 -3.26 -11.62
C VAL B 163 7.34 -1.98 -11.08
N SER B 164 7.68 -0.83 -11.64
CA SER B 164 7.12 0.51 -11.31
C SER B 164 6.54 1.09 -12.59
N TRP B 165 5.73 2.13 -12.48
CA TRP B 165 5.39 2.94 -13.68
C TRP B 165 5.72 4.41 -13.45
N ASN B 166 6.34 5.03 -14.45
CA ASN B 166 6.66 6.48 -14.50
C ASN B 166 7.44 6.84 -13.23
N SER B 167 8.45 6.01 -12.91
CA SER B 167 9.43 6.22 -11.81
C SER B 167 8.76 6.13 -10.44
N GLY B 168 7.60 5.45 -10.35
CA GLY B 168 6.84 5.29 -9.11
C GLY B 168 5.72 6.30 -8.96
N ALA B 169 5.61 7.29 -9.85
CA ALA B 169 4.57 8.35 -9.79
C ALA B 169 3.19 7.78 -10.14
N LEU B 170 3.12 6.67 -10.87
CA LEU B 170 1.85 5.98 -11.22
C LEU B 170 1.75 4.65 -10.47
N THR B 171 0.89 4.60 -9.44
CA THR B 171 0.61 3.45 -8.54
C THR B 171 -0.84 3.01 -8.76
N SER B 172 -1.76 3.95 -8.82
CA SER B 172 -3.19 3.67 -9.01
C SER B 172 -3.43 2.89 -10.32
N GLY B 173 -4.07 1.71 -10.27
CA GLY B 173 -4.55 0.94 -11.45
C GLY B 173 -3.61 -0.18 -11.87
N VAL B 174 -2.47 -0.29 -11.19
CA VAL B 174 -1.35 -1.20 -11.55
C VAL B 174 -1.60 -2.59 -10.96
N HIS B 175 -1.74 -3.62 -11.79
CA HIS B 175 -1.71 -5.04 -11.35
C HIS B 175 -0.42 -5.68 -11.89
N THR B 176 0.58 -5.89 -11.04
CA THR B 176 1.75 -6.76 -11.35
C THR B 176 1.42 -8.21 -10.97
N PHE B 177 1.40 -9.13 -11.93
CA PHE B 177 1.04 -10.56 -11.70
C PHE B 177 2.26 -11.31 -11.16
N PRO B 178 2.03 -12.34 -10.31
CA PRO B 178 3.11 -13.24 -9.93
C PRO B 178 3.65 -13.99 -11.15
N ALA B 179 4.96 -14.31 -11.09
CA ALA B 179 5.73 -14.93 -12.18
C ALA B 179 5.26 -16.36 -12.47
N VAL B 180 5.23 -16.78 -13.73
CA VAL B 180 5.15 -18.22 -14.11
C VAL B 180 6.59 -18.76 -14.17
N LEU B 181 6.78 -20.05 -13.88
CA LEU B 181 8.09 -20.76 -13.96
C LEU B 181 8.02 -21.78 -15.11
N GLN B 182 8.70 -21.50 -16.23
CA GLN B 182 8.64 -22.30 -17.49
C GLN B 182 9.41 -23.60 -17.28
N SER B 183 9.18 -24.61 -18.13
CA SER B 183 9.94 -25.89 -18.04
C SER B 183 11.44 -25.61 -18.31
N SER B 184 11.77 -24.46 -18.89
CA SER B 184 13.14 -23.94 -19.07
C SER B 184 13.78 -23.60 -17.72
N GLY B 185 13.03 -23.48 -16.63
CA GLY B 185 13.60 -23.04 -15.34
C GLY B 185 13.76 -21.53 -15.24
N LEU B 186 13.31 -20.78 -16.24
CA LEU B 186 13.26 -19.29 -16.21
C LEU B 186 11.84 -18.80 -15.91
N TYR B 187 11.77 -17.68 -15.19
CA TYR B 187 10.55 -16.93 -14.76
C TYR B 187 10.21 -15.85 -15.80
N SER B 188 8.92 -15.72 -16.13
CA SER B 188 8.33 -14.56 -16.84
C SER B 188 7.20 -13.99 -15.98
N LEU B 189 7.08 -12.67 -15.88
CA LEU B 189 5.89 -12.01 -15.30
C LEU B 189 5.40 -10.86 -16.20
N SER B 190 4.18 -10.40 -15.99
CA SER B 190 3.60 -9.22 -16.68
C SER B 190 3.04 -8.24 -15.65
N SER B 191 3.14 -6.95 -15.93
CA SER B 191 2.55 -5.85 -15.14
C SER B 191 1.69 -5.03 -16.10
N VAL B 192 0.48 -4.64 -15.70
CA VAL B 192 -0.50 -3.99 -16.60
C VAL B 192 -1.14 -2.87 -15.79
N VAL B 193 -1.47 -1.77 -16.47
CA VAL B 193 -2.14 -0.62 -15.84
C VAL B 193 -3.20 -0.11 -16.83
N THR B 194 -4.37 0.21 -16.28
CA THR B 194 -5.48 0.85 -17.02
C THR B 194 -5.34 2.38 -16.84
N VAL B 195 -5.44 3.08 -17.97
CA VAL B 195 -5.31 4.55 -18.00
C VAL B 195 -6.45 5.06 -18.85
N PRO B 196 -6.79 6.35 -18.61
CA PRO B 196 -7.78 7.04 -19.44
C PRO B 196 -7.16 7.04 -20.84
N SER B 197 -7.88 6.49 -21.79
CA SER B 197 -7.46 6.39 -23.19
C SER B 197 -7.29 7.81 -23.77
N SER B 198 -7.91 8.84 -23.17
CA SER B 198 -7.76 10.27 -23.54
C SER B 198 -6.35 10.77 -23.23
N SER B 199 -5.60 10.14 -22.33
CA SER B 199 -4.28 10.66 -21.87
C SER B 199 -3.15 10.10 -22.74
N LEU B 200 -3.43 9.13 -23.62
CA LEU B 200 -2.40 8.45 -24.47
C LEU B 200 -1.72 9.42 -25.46
N GLY B 201 -2.40 10.47 -25.90
CA GLY B 201 -1.83 11.44 -26.84
C GLY B 201 -0.89 12.43 -26.17
N THR B 202 -0.95 12.58 -24.85
CA THR B 202 -0.25 13.69 -24.12
C THR B 202 0.64 13.19 -23.00
N GLN B 203 0.55 11.91 -22.62
CA GLN B 203 1.21 11.35 -21.43
C GLN B 203 2.03 10.15 -21.89
N THR B 204 3.23 10.06 -21.31
CA THR B 204 4.16 8.96 -21.63
C THR B 204 4.06 7.96 -20.48
N TYR B 205 3.94 6.69 -20.86
CA TYR B 205 3.86 5.53 -19.95
C TYR B 205 5.16 4.73 -20.11
N ILE B 206 5.97 4.81 -19.06
CA ILE B 206 7.25 4.07 -18.87
C ILE B 206 7.04 3.02 -17.76
N CYS B 207 7.28 1.74 -18.02
CA CYS B 207 7.49 0.76 -16.92
C CYS B 207 8.98 0.65 -16.57
N ASN B 208 9.25 0.61 -15.27
CA ASN B 208 10.58 0.55 -14.63
C ASN B 208 10.77 -0.83 -14.02
N VAL B 209 11.64 -1.63 -14.63
CA VAL B 209 11.93 -3.03 -14.26
C VAL B 209 13.30 -3.08 -13.57
N ASN B 210 13.33 -3.49 -12.29
CA ASN B 210 14.56 -3.76 -11.51
C ASN B 210 14.64 -5.26 -11.21
N HIS B 211 15.68 -5.92 -11.72
CA HIS B 211 16.11 -7.31 -11.39
C HIS B 211 17.49 -7.27 -10.72
N LYS B 212 17.55 -7.06 -9.40
CA LYS B 212 18.80 -6.79 -8.63
C LYS B 212 19.88 -7.85 -8.89
N PRO B 213 19.52 -9.16 -8.89
CA PRO B 213 20.49 -10.23 -9.15
C PRO B 213 21.30 -10.10 -10.45
N SER B 214 20.70 -9.58 -11.53
CA SER B 214 21.37 -9.36 -12.85
C SER B 214 21.87 -7.89 -13.00
N ASN B 215 21.67 -7.03 -12.00
CA ASN B 215 21.94 -5.57 -12.09
C ASN B 215 21.18 -4.96 -13.26
N THR B 216 20.03 -5.53 -13.65
CA THR B 216 19.09 -4.98 -14.68
C THR B 216 18.20 -3.91 -14.03
N LYS B 217 18.32 -2.68 -14.53
CA LYS B 217 17.50 -1.50 -14.17
C LYS B 217 17.05 -0.93 -15.51
N VAL B 218 15.92 -1.37 -16.04
CA VAL B 218 15.41 -1.04 -17.41
C VAL B 218 14.20 -0.10 -17.31
N ASP B 219 14.05 0.76 -18.30
CA ASP B 219 12.93 1.70 -18.49
C ASP B 219 12.40 1.39 -19.90
N LYS B 220 11.11 1.17 -20.07
CA LYS B 220 10.57 0.86 -21.41
C LYS B 220 9.30 1.69 -21.61
N ARG B 221 9.22 2.40 -22.73
CA ARG B 221 8.10 3.31 -23.05
C ARG B 221 7.06 2.40 -23.70
N VAL B 222 5.80 2.51 -23.29
CA VAL B 222 4.70 1.72 -23.89
C VAL B 222 3.80 2.71 -24.63
N GLU B 223 3.63 2.53 -25.94
CA GLU B 223 2.90 3.49 -26.81
C GLU B 223 1.78 2.77 -27.53
N PRO B 224 0.74 3.49 -27.97
CA PRO B 224 -0.39 2.86 -28.65
C PRO B 224 -0.04 2.25 -30.03
N LYS B 225 -0.65 1.11 -30.39
CA LYS B 225 -0.47 0.37 -31.69
C LYS B 225 -1.24 1.07 -32.84
N SER B 226 -0.95 0.66 -34.09
CA SER B 226 -1.63 1.04 -35.36
C SER B 226 -1.58 -0.12 -36.38
N CYS B 227 -2.76 -0.51 -36.93
CA CYS B 227 -2.95 -1.45 -38.07
C CYS B 227 -3.79 -0.77 -39.16
N GLN C 5 -22.97 19.16 2.35
CA GLN C 5 -24.30 19.87 2.40
C GLN C 5 -24.58 20.35 3.85
N SER C 6 -24.67 19.44 4.84
CA SER C 6 -24.94 19.73 6.28
C SER C 6 -26.33 20.37 6.48
N VAL C 7 -27.30 19.98 5.63
CA VAL C 7 -28.76 20.10 5.91
C VAL C 7 -29.12 18.89 6.79
N LEU C 8 -28.20 17.90 6.87
CA LEU C 8 -28.18 16.76 7.86
C LEU C 8 -27.15 17.07 8.97
N THR C 9 -27.51 16.92 10.25
CA THR C 9 -26.55 17.06 11.38
C THR C 9 -26.09 15.68 11.84
N GLN C 10 -24.76 15.55 11.97
CA GLN C 10 -24.04 14.50 12.69
C GLN C 10 -23.24 15.21 13.77
N PRO C 11 -22.89 14.54 14.90
CA PRO C 11 -21.94 15.11 15.85
C PRO C 11 -20.51 15.13 15.27
N PRO C 12 -19.69 16.16 15.57
CA PRO C 12 -18.36 16.27 14.98
C PRO C 12 -17.51 15.03 15.30
N SER C 13 -17.65 14.50 16.52
CA SER C 13 -16.82 13.38 17.05
C SER C 13 -17.60 12.48 18.02
N VAL C 14 -17.23 11.19 18.04
CA VAL C 14 -17.66 10.13 19.00
C VAL C 14 -16.42 9.30 19.39
N SER C 15 -16.41 8.82 20.64
CA SER C 15 -15.30 8.14 21.35
C SER C 15 -15.84 6.93 22.12
N ALA C 16 -15.44 5.73 21.72
CA ALA C 16 -15.57 4.49 22.52
C ALA C 16 -14.18 3.84 22.70
N ALA C 17 -14.10 2.77 23.50
CA ALA C 17 -12.88 1.94 23.65
C ALA C 17 -13.01 0.67 22.81
N PRO C 18 -11.88 0.01 22.48
CA PRO C 18 -11.92 -1.26 21.78
C PRO C 18 -12.99 -2.20 22.36
N GLY C 19 -13.75 -2.87 21.48
CA GLY C 19 -14.69 -3.94 21.87
C GLY C 19 -16.06 -3.39 22.26
N GLN C 20 -16.19 -2.08 22.44
CA GLN C 20 -17.47 -1.43 22.85
C GLN C 20 -18.34 -1.18 21.62
N LYS C 21 -19.59 -0.76 21.85
CA LYS C 21 -20.53 -0.23 20.81
C LYS C 21 -20.46 1.29 20.80
N VAL C 22 -20.52 1.86 19.62
CA VAL C 22 -20.56 3.32 19.38
C VAL C 22 -21.65 3.56 18.33
N THR C 23 -22.38 4.67 18.44
CA THR C 23 -23.39 5.02 17.41
C THR C 23 -23.07 6.41 16.87
N VAL C 24 -23.34 6.59 15.59
CA VAL C 24 -23.29 7.91 14.94
C VAL C 24 -24.70 8.25 14.47
N SER C 25 -25.29 9.28 15.10
CA SER C 25 -26.62 9.83 14.76
C SER C 25 -26.48 10.75 13.54
N CYS C 26 -27.56 10.88 12.78
CA CYS C 26 -27.67 11.73 11.57
C CYS C 26 -29.11 12.23 11.48
N SER C 27 -29.38 13.45 11.97
CA SER C 27 -30.76 13.99 12.04
C SER C 27 -30.98 15.00 10.90
N GLY C 28 -32.13 14.89 10.22
CA GLY C 28 -32.56 15.81 9.15
C GLY C 28 -33.99 16.24 9.37
N SER C 29 -34.86 15.87 8.43
CA SER C 29 -36.28 16.31 8.34
C SER C 29 -37.07 15.32 7.48
N SER C 30 -38.39 15.48 7.39
CA SER C 30 -39.30 14.56 6.68
C SER C 30 -38.97 14.48 5.17
N SER C 31 -38.51 15.57 4.54
CA SER C 31 -38.25 15.57 3.08
C SER C 31 -36.96 14.78 2.76
N ASN C 32 -36.02 14.67 3.70
CA ASN C 32 -34.75 13.94 3.44
C ASN C 32 -34.83 12.57 4.11
N ILE C 33 -34.29 12.39 5.33
CA ILE C 33 -34.19 11.07 6.03
C ILE C 33 -35.58 10.48 6.28
N GLY C 34 -36.54 11.34 6.63
CA GLY C 34 -37.95 10.95 6.80
C GLY C 34 -38.39 9.93 5.77
N ASN C 35 -38.33 10.27 4.48
CA ASN C 35 -39.08 9.52 3.43
C ASN C 35 -38.12 8.88 2.45
N HIS C 36 -36.83 8.81 2.77
CA HIS C 36 -35.79 8.26 1.84
C HIS C 36 -34.75 7.47 2.60
N HIS C 37 -34.22 6.47 1.88
CA HIS C 37 -33.15 5.56 2.33
C HIS C 37 -31.86 6.35 2.58
N VAL C 38 -31.17 6.01 3.64
CA VAL C 38 -29.90 6.65 4.08
C VAL C 38 -28.75 5.74 3.65
N SER C 39 -27.64 6.34 3.19
CA SER C 39 -26.37 5.64 2.97
C SER C 39 -25.32 6.16 3.96
N TRP C 40 -24.39 5.29 4.34
CA TRP C 40 -23.21 5.66 5.17
C TRP C 40 -21.91 5.52 4.36
N TYR C 41 -21.02 6.50 4.53
CA TYR C 41 -19.74 6.65 3.77
C TYR C 41 -18.59 6.78 4.77
N GLN C 42 -17.59 5.91 4.61
CA GLN C 42 -16.32 5.93 5.37
C GLN C 42 -15.25 6.66 4.53
N GLN C 43 -14.54 7.60 5.16
CA GLN C 43 -13.37 8.30 4.59
C GLN C 43 -12.15 8.14 5.49
N LEU C 44 -11.16 7.37 5.03
CA LEU C 44 -9.78 7.29 5.63
C LEU C 44 -9.02 8.55 5.22
N PRO C 45 -8.11 9.10 6.06
CA PRO C 45 -7.45 10.38 5.76
C PRO C 45 -6.87 10.52 4.34
N GLY C 46 -7.21 11.62 3.65
CA GLY C 46 -6.83 11.88 2.24
C GLY C 46 -7.04 10.67 1.31
N THR C 47 -8.16 9.94 1.41
CA THR C 47 -8.59 8.99 0.34
C THR C 47 -10.07 9.22 0.04
N ALA C 48 -10.53 8.67 -1.07
CA ALA C 48 -11.94 8.79 -1.54
C ALA C 48 -12.85 8.13 -0.50
N PRO C 49 -14.07 8.68 -0.29
CA PRO C 49 -15.09 7.97 0.49
C PRO C 49 -15.42 6.59 -0.07
N LYS C 50 -15.81 5.70 0.83
CA LYS C 50 -16.20 4.32 0.55
C LYS C 50 -17.62 4.13 1.06
N LEU C 51 -18.49 3.59 0.21
CA LEU C 51 -19.83 3.13 0.64
C LEU C 51 -19.67 1.96 1.62
N LEU C 52 -20.10 2.15 2.88
CA LEU C 52 -20.33 1.12 3.93
C LEU C 52 -21.71 0.48 3.78
N ILE C 53 -22.75 1.35 3.78
CA ILE C 53 -24.19 1.01 3.96
C ILE C 53 -25.04 1.82 2.97
N TYR C 54 -25.92 1.14 2.26
CA TYR C 54 -27.01 1.74 1.45
C TYR C 54 -28.38 1.14 1.84
N ASP C 55 -29.46 1.60 1.24
CA ASP C 55 -30.88 1.25 1.57
C ASP C 55 -31.04 1.17 3.09
N THR C 56 -30.38 2.11 3.79
CA THR C 56 -30.50 2.41 5.23
C THR C 56 -29.81 1.34 6.10
N THR C 57 -29.83 0.06 5.69
CA THR C 57 -29.44 -1.08 6.57
C THR C 57 -28.54 -2.10 5.86
N VAL C 58 -28.32 -2.00 4.56
CA VAL C 58 -27.55 -3.02 3.77
C VAL C 58 -26.04 -2.69 3.76
N LEU C 59 -25.20 -3.70 3.99
CA LEU C 59 -23.72 -3.60 3.97
C LEU C 59 -23.26 -3.87 2.54
N SER C 60 -22.33 -3.04 2.04
CA SER C 60 -21.53 -3.32 0.82
C SER C 60 -20.71 -4.60 1.03
N SER C 61 -20.40 -5.31 -0.06
CA SER C 61 -19.37 -6.38 -0.18
C SER C 61 -18.24 -6.14 0.82
N GLY C 62 -17.93 -7.13 1.66
CA GLY C 62 -16.71 -7.17 2.49
C GLY C 62 -16.76 -6.20 3.66
N VAL C 63 -17.91 -5.59 3.93
CA VAL C 63 -18.13 -4.85 5.21
C VAL C 63 -18.67 -5.85 6.22
N PRO C 64 -18.10 -5.82 7.44
CA PRO C 64 -18.46 -6.80 8.47
C PRO C 64 -19.75 -6.53 9.26
N ASP C 65 -20.39 -7.62 9.74
CA ASP C 65 -21.65 -7.66 10.56
C ASP C 65 -21.57 -6.68 11.74
N ARG C 66 -20.39 -6.17 12.08
CA ARG C 66 -20.15 -5.31 13.27
C ARG C 66 -20.76 -3.93 13.02
N PHE C 67 -20.94 -3.61 11.73
CA PHE C 67 -21.63 -2.39 11.23
C PHE C 67 -23.11 -2.69 10.98
N SER C 68 -23.96 -1.75 11.38
CA SER C 68 -25.41 -1.77 11.10
C SER C 68 -25.91 -0.35 10.83
N GLY C 69 -27.00 -0.26 10.07
CA GLY C 69 -27.74 0.98 9.81
C GLY C 69 -29.17 0.86 10.32
N SER C 70 -29.57 1.84 11.13
CA SER C 70 -30.92 2.00 11.73
C SER C 70 -31.56 3.32 11.25
N LYS C 71 -32.89 3.44 11.35
CA LYS C 71 -33.67 4.64 10.95
C LYS C 71 -34.91 4.72 11.84
N SER C 72 -35.08 5.85 12.51
CA SER C 72 -36.23 6.15 13.37
C SER C 72 -36.78 7.55 13.00
N GLY C 73 -37.82 7.60 12.16
CA GLY C 73 -38.46 8.84 11.69
C GLY C 73 -37.49 9.73 10.93
N THR C 74 -37.09 10.87 11.52
CA THR C 74 -36.21 11.87 10.88
C THR C 74 -34.73 11.69 11.27
N SER C 75 -34.38 10.64 12.03
CA SER C 75 -32.97 10.30 12.37
C SER C 75 -32.59 8.92 11.81
N ALA C 76 -31.32 8.76 11.44
CA ALA C 76 -30.69 7.47 11.07
C ALA C 76 -29.49 7.26 11.98
N THR C 77 -29.15 6.02 12.26
CA THR C 77 -28.04 5.69 13.17
C THR C 77 -27.13 4.64 12.51
N LEU C 78 -25.81 4.91 12.57
CA LEU C 78 -24.76 3.92 12.28
C LEU C 78 -24.31 3.28 13.59
N GLY C 79 -24.35 1.95 13.63
CA GLY C 79 -23.89 1.16 14.79
C GLY C 79 -22.61 0.42 14.46
N ILE C 80 -21.60 0.52 15.33
CA ILE C 80 -20.35 -0.27 15.21
C ILE C 80 -20.13 -1.01 16.52
N THR C 81 -20.32 -2.34 16.52
CA THR C 81 -20.07 -3.24 17.67
C THR C 81 -18.66 -3.82 17.54
N GLY C 82 -18.09 -4.32 18.65
CA GLY C 82 -16.71 -4.85 18.67
C GLY C 82 -15.77 -3.90 17.96
N LEU C 83 -15.77 -2.63 18.37
CA LEU C 83 -14.96 -1.52 17.82
C LEU C 83 -13.48 -1.90 17.77
N GLN C 84 -12.85 -1.78 16.61
CA GLN C 84 -11.40 -2.00 16.37
C GLN C 84 -10.74 -0.64 16.07
N THR C 85 -9.42 -0.53 16.25
CA THR C 85 -8.59 0.68 15.98
C THR C 85 -8.58 0.98 14.46
N GLY C 86 -8.89 -0.03 13.64
CA GLY C 86 -8.97 0.02 12.17
C GLY C 86 -10.20 0.77 11.69
N ASP C 87 -11.07 1.16 12.61
CA ASP C 87 -12.36 1.85 12.37
C ASP C 87 -12.19 3.37 12.53
N GLU C 88 -11.06 3.85 13.09
CA GLU C 88 -10.74 5.32 13.20
C GLU C 88 -10.85 5.92 11.80
N ALA C 89 -11.64 6.98 11.60
CA ALA C 89 -12.08 7.47 10.26
C ALA C 89 -13.19 8.52 10.40
N ASP C 90 -13.52 9.16 9.30
CA ASP C 90 -14.67 10.08 9.18
C ASP C 90 -15.83 9.32 8.53
N TYR C 91 -17.02 9.46 9.12
CA TYR C 91 -18.27 8.79 8.71
C TYR C 91 -19.28 9.87 8.30
N TYR C 92 -19.81 9.73 7.10
CA TYR C 92 -20.80 10.65 6.50
C TYR C 92 -22.10 9.87 6.23
N CYS C 93 -23.25 10.41 6.62
CA CYS C 93 -24.57 9.95 6.12
C CYS C 93 -24.95 10.71 4.86
N GLY C 94 -25.70 10.07 3.98
CA GLY C 94 -26.24 10.67 2.75
C GLY C 94 -27.67 10.26 2.47
N THR C 95 -28.44 11.13 1.84
CA THR C 95 -29.77 10.76 1.25
C THR C 95 -30.17 11.77 0.16
N TRP C 96 -31.36 11.56 -0.41
CA TRP C 96 -32.04 12.45 -1.40
C TRP C 96 -32.90 13.39 -0.57
N ASP C 97 -33.14 14.61 -1.04
CA ASP C 97 -34.09 15.60 -0.43
C ASP C 97 -35.08 15.98 -1.52
N GLU C 98 -36.33 15.49 -1.44
CA GLU C 98 -37.37 15.62 -2.53
C GLU C 98 -37.84 17.08 -2.65
N LEU C 99 -37.55 17.91 -1.64
CA LEU C 99 -37.71 19.39 -1.63
C LEU C 99 -36.69 20.04 -2.58
N THR C 100 -35.39 19.94 -2.29
CA THR C 100 -34.31 20.62 -3.05
C THR C 100 -33.95 19.80 -4.31
N SER C 101 -34.39 18.53 -4.43
CA SER C 101 -33.95 17.60 -5.50
C SER C 101 -32.40 17.53 -5.56
N ASN C 102 -31.79 17.48 -4.37
CA ASN C 102 -30.32 17.33 -4.14
C ASN C 102 -30.07 16.02 -3.39
N LEU C 103 -28.96 15.36 -3.71
CA LEU C 103 -28.28 14.44 -2.77
C LEU C 103 -27.70 15.31 -1.66
N VAL C 104 -27.85 14.91 -0.40
CA VAL C 104 -27.37 15.69 0.78
C VAL C 104 -26.47 14.80 1.61
N PHE C 105 -25.60 15.42 2.39
CA PHE C 105 -24.60 14.75 3.25
C PHE C 105 -24.66 15.40 4.63
N GLY C 106 -24.29 14.68 5.69
CA GLY C 106 -24.04 15.26 7.02
C GLY C 106 -22.68 15.92 7.03
N GLY C 107 -22.37 16.77 8.00
CA GLY C 107 -21.07 17.44 8.17
C GLY C 107 -19.95 16.46 8.51
N GLY C 108 -20.29 15.18 8.74
CA GLY C 108 -19.31 14.10 8.97
C GLY C 108 -19.02 13.93 10.43
N THR C 109 -18.59 12.74 10.83
CA THR C 109 -18.24 12.43 12.23
C THR C 109 -16.93 11.67 12.27
N LYS C 110 -16.01 12.21 13.08
CA LYS C 110 -14.64 11.70 13.37
C LYS C 110 -14.76 10.68 14.51
N LEU C 111 -14.43 9.41 14.23
CA LEU C 111 -14.42 8.29 15.21
C LEU C 111 -13.02 8.12 15.81
N THR C 112 -12.89 8.35 17.12
CA THR C 112 -11.65 8.10 17.90
C THR C 112 -11.81 6.82 18.74
N VAL C 113 -10.78 5.97 18.76
CA VAL C 113 -10.76 4.75 19.62
C VAL C 113 -9.88 5.04 20.84
N LEU C 114 -10.52 5.12 22.00
CA LEU C 114 -9.91 5.51 23.30
C LEU C 114 -8.92 4.43 23.78
N GLY C 115 -8.10 4.80 24.78
CA GLY C 115 -7.12 3.93 25.46
C GLY C 115 -6.07 3.34 24.52
N GLN C 116 -5.84 3.92 23.34
CA GLN C 116 -4.65 3.57 22.54
C GLN C 116 -3.44 4.01 23.36
N PRO C 117 -2.31 3.28 23.28
CA PRO C 117 -1.13 3.55 24.12
C PRO C 117 -0.33 4.78 23.65
N LYS C 118 0.03 5.64 24.61
CA LYS C 118 0.90 6.82 24.40
C LYS C 118 2.22 6.34 23.78
N ALA C 119 2.81 7.18 22.92
CA ALA C 119 4.01 6.90 22.09
C ALA C 119 4.73 8.24 21.90
N ALA C 120 5.98 8.33 22.36
CA ALA C 120 6.85 9.51 22.16
C ALA C 120 7.26 9.58 20.69
N PRO C 121 7.49 10.81 20.19
CA PRO C 121 7.88 11.03 18.80
C PRO C 121 9.31 10.58 18.48
N SER C 122 9.53 10.01 17.29
CA SER C 122 10.87 9.95 16.62
C SER C 122 11.14 11.31 15.95
N VAL C 123 12.33 11.85 16.19
CA VAL C 123 12.80 13.14 15.63
C VAL C 123 14.05 12.89 14.80
N THR C 124 13.97 13.16 13.51
CA THR C 124 15.14 13.34 12.62
C THR C 124 15.30 14.84 12.33
N LEU C 125 16.48 15.40 12.57
CA LEU C 125 16.79 16.80 12.25
C LEU C 125 17.94 16.87 11.24
N PHE C 126 17.68 17.40 10.04
CA PHE C 126 18.69 17.62 8.99
C PHE C 126 19.23 19.05 9.02
N PRO C 127 20.54 19.23 8.74
CA PRO C 127 21.10 20.57 8.59
C PRO C 127 20.83 21.00 7.15
N PRO C 128 21.11 22.28 6.81
CA PRO C 128 21.04 22.72 5.42
C PRO C 128 21.97 21.89 4.54
N SER C 129 21.52 21.53 3.33
CA SER C 129 22.34 20.82 2.33
C SER C 129 23.39 21.76 1.75
N SER C 130 24.40 21.20 1.10
CA SER C 130 25.50 21.93 0.42
C SER C 130 24.90 22.77 -0.69
N GLU C 131 23.99 22.16 -1.44
CA GLU C 131 23.39 22.73 -2.66
C GLU C 131 22.55 23.94 -2.24
N GLU C 132 21.81 23.83 -1.14
CA GLU C 132 20.94 24.92 -0.65
C GLU C 132 21.83 26.07 -0.17
N LEU C 133 22.83 25.81 0.64
CA LEU C 133 23.78 26.89 1.00
C LEU C 133 24.38 27.54 -0.26
N GLN C 134 24.73 26.77 -1.30
CA GLN C 134 25.32 27.28 -2.56
C GLN C 134 24.32 28.13 -3.34
N ALA C 135 23.01 28.00 -3.09
CA ALA C 135 21.94 28.91 -3.58
C ALA C 135 21.64 30.01 -2.54
N ASN C 136 22.55 30.27 -1.59
CA ASN C 136 22.49 31.37 -0.58
C ASN C 136 21.20 31.28 0.29
N LYS C 137 20.72 30.08 0.60
CA LYS C 137 19.56 29.85 1.50
C LYS C 137 19.89 28.69 2.45
N ALA C 138 19.13 28.55 3.54
CA ALA C 138 19.33 27.55 4.60
C ALA C 138 18.01 27.12 5.25
N THR C 139 17.67 25.84 5.15
CA THR C 139 16.47 25.22 5.79
C THR C 139 16.88 24.07 6.72
N LEU C 140 16.61 24.22 8.02
CA LEU C 140 16.66 23.14 9.03
C LEU C 140 15.32 22.41 9.00
N VAL C 141 15.37 21.09 8.85
CA VAL C 141 14.19 20.20 8.64
C VAL C 141 14.12 19.26 9.83
N CYS C 142 13.02 19.31 10.56
CA CYS C 142 12.78 18.52 11.78
C CYS C 142 11.55 17.65 11.55
N LEU C 143 11.72 16.36 11.30
CA LEU C 143 10.60 15.44 10.96
C LEU C 143 10.25 14.59 12.19
N ILE C 144 8.95 14.51 12.46
CA ILE C 144 8.40 14.05 13.77
C ILE C 144 7.34 13.02 13.48
N SER C 145 7.54 11.79 13.93
CA SER C 145 6.69 10.63 13.53
C SER C 145 6.43 9.69 14.70
N ASP C 146 5.39 8.87 14.55
CA ASP C 146 5.02 7.74 15.43
C ASP C 146 4.78 8.27 16.85
N PHE C 147 4.00 9.34 16.98
CA PHE C 147 3.60 9.85 18.32
C PHE C 147 2.08 9.70 18.44
N TYR C 148 1.63 9.41 19.68
CA TYR C 148 0.19 9.29 20.06
C TYR C 148 -0.02 9.78 21.49
N PRO C 149 -1.08 10.55 21.78
CA PRO C 149 -1.97 11.14 20.76
C PRO C 149 -1.30 12.28 19.96
N GLY C 150 -2.02 12.80 18.96
CA GLY C 150 -1.50 13.76 17.97
C GLY C 150 -1.49 15.21 18.45
N ALA C 151 -0.79 15.55 19.52
CA ALA C 151 -0.61 16.95 19.94
C ALA C 151 0.83 17.11 20.41
N VAL C 152 1.61 17.91 19.69
CA VAL C 152 3.01 18.24 20.02
C VAL C 152 3.13 19.75 19.99
N THR C 153 4.07 20.32 20.73
CA THR C 153 4.56 21.71 20.57
C THR C 153 6.04 21.60 20.19
N VAL C 154 6.52 22.48 19.32
CA VAL C 154 7.93 22.51 18.81
C VAL C 154 8.56 23.86 19.16
N ALA C 155 9.73 23.87 19.78
CA ALA C 155 10.52 25.09 20.02
C ALA C 155 11.86 24.90 19.30
N TRP C 156 12.47 25.99 18.84
CA TRP C 156 13.82 25.99 18.23
C TRP C 156 14.75 26.80 19.12
N LYS C 157 16.03 26.46 19.08
CA LYS C 157 17.09 27.17 19.82
C LYS C 157 18.27 27.37 18.89
N ALA C 158 18.89 28.54 18.99
CA ALA C 158 20.24 28.85 18.46
C ALA C 158 21.16 29.02 19.68
N ASP C 159 22.09 28.08 19.91
CA ASP C 159 22.89 28.02 21.17
C ASP C 159 21.99 28.16 22.40
N SER C 160 20.83 27.50 22.42
CA SER C 160 19.88 27.44 23.56
C SER C 160 19.26 28.81 23.91
N SER C 161 19.39 29.82 23.05
CA SER C 161 18.45 30.99 22.94
C SER C 161 17.29 30.63 22.01
N PRO C 162 16.03 30.88 22.42
CA PRO C 162 14.89 30.54 21.57
C PRO C 162 14.79 31.44 20.33
N VAL C 163 14.38 30.88 19.18
CA VAL C 163 14.18 31.65 17.93
C VAL C 163 12.76 31.36 17.39
N LYS C 164 11.92 32.40 17.29
CA LYS C 164 10.50 32.35 16.83
C LYS C 164 10.45 32.74 15.34
N ALA C 165 11.21 33.80 14.99
CA ALA C 165 11.61 34.22 13.62
C ALA C 165 11.94 32.99 12.78
N GLY C 166 11.18 32.73 11.72
CA GLY C 166 11.58 31.85 10.61
C GLY C 166 10.96 30.47 10.69
N VAL C 167 10.11 30.20 11.69
CA VAL C 167 9.60 28.83 11.99
C VAL C 167 8.27 28.60 11.26
N GLU C 168 8.10 27.45 10.61
CA GLU C 168 6.77 27.03 10.07
C GLU C 168 6.54 25.55 10.45
N THR C 169 5.52 25.26 11.24
CA THR C 169 5.28 23.89 11.75
C THR C 169 3.97 23.32 11.21
N THR C 170 3.96 22.13 10.60
CA THR C 170 2.67 21.51 10.18
C THR C 170 1.83 21.28 11.43
N THR C 171 0.53 21.25 11.29
CA THR C 171 -0.35 20.59 12.29
C THR C 171 -0.16 19.09 12.11
N PRO C 172 -0.30 18.33 13.23
CA PRO C 172 -0.19 16.87 13.24
C PRO C 172 -1.08 16.18 12.21
N SER C 173 -0.75 15.01 11.69
CA SER C 173 -1.64 14.30 10.72
C SER C 173 -1.55 12.80 10.93
N LYS C 174 -2.60 12.06 10.59
CA LYS C 174 -2.72 10.63 10.95
C LYS C 174 -1.95 9.77 9.94
N GLN C 175 -0.88 9.14 10.37
CA GLN C 175 -0.18 8.08 9.60
C GLN C 175 -1.15 6.91 9.40
N SER C 176 -0.83 5.96 8.52
CA SER C 176 -1.71 4.82 8.20
C SER C 176 -1.89 3.91 9.45
N ASN C 177 -0.88 3.88 10.35
CA ASN C 177 -0.86 3.04 11.57
C ASN C 177 -1.50 3.75 12.77
N ASN C 178 -2.42 4.68 12.56
CA ASN C 178 -3.19 5.41 13.62
C ASN C 178 -2.30 6.32 14.49
N LYS C 179 -0.97 6.33 14.33
CA LYS C 179 -0.08 7.31 15.02
C LYS C 179 0.05 8.57 14.14
N TYR C 180 0.59 9.66 14.67
CA TYR C 180 0.61 10.97 13.99
C TYR C 180 2.03 11.31 13.54
N ALA C 181 2.14 12.14 12.49
CA ALA C 181 3.40 12.76 11.96
C ALA C 181 3.21 14.27 11.85
N ALA C 182 4.29 15.02 12.02
CA ALA C 182 4.36 16.49 11.86
C ALA C 182 5.74 16.87 11.30
N SER C 183 5.87 18.08 10.74
CA SER C 183 7.12 18.62 10.15
C SER C 183 7.29 20.03 10.74
N SER C 184 8.50 20.43 11.11
CA SER C 184 8.81 21.85 11.40
C SER C 184 10.08 22.25 10.64
N TYR C 185 10.00 23.40 9.96
CA TYR C 185 11.08 23.98 9.12
C TYR C 185 11.49 25.31 9.73
N LEU C 186 12.79 25.54 9.89
CA LEU C 186 13.34 26.87 10.26
C LEU C 186 14.19 27.37 9.10
N SER C 187 13.82 28.52 8.52
CA SER C 187 14.56 29.27 7.46
C SER C 187 15.60 30.18 8.10
N LEU C 188 16.83 30.08 7.61
CA LEU C 188 17.99 30.90 8.04
C LEU C 188 18.69 31.51 6.82
N THR C 189 19.54 32.48 7.08
CA THR C 189 20.60 32.92 6.12
C THR C 189 21.80 32.05 6.38
N PRO C 190 22.56 31.64 5.34
CA PRO C 190 23.86 31.00 5.52
C PRO C 190 24.75 31.57 6.63
N GLU C 191 24.71 32.88 6.90
CA GLU C 191 25.60 33.54 7.91
C GLU C 191 25.05 33.29 9.31
N GLN C 192 23.73 33.20 9.47
CA GLN C 192 23.10 32.81 10.77
C GLN C 192 23.49 31.37 11.14
N TRP C 193 23.35 30.45 10.17
CA TRP C 193 23.75 29.01 10.27
C TRP C 193 25.22 28.92 10.66
N LYS C 194 26.13 29.57 9.91
CA LYS C 194 27.60 29.46 10.09
C LYS C 194 28.05 30.15 11.39
N SER C 195 27.32 31.17 11.88
CA SER C 195 27.73 32.04 13.02
C SER C 195 27.55 31.31 14.36
N HIS C 196 26.49 30.49 14.50
CA HIS C 196 26.09 29.85 15.78
C HIS C 196 26.75 28.48 15.94
N ARG C 197 27.03 28.10 17.18
CA ARG C 197 27.66 26.79 17.59
C ARG C 197 26.71 25.64 17.18
N SER C 198 25.40 25.80 17.39
CA SER C 198 24.38 24.76 17.07
C SER C 198 22.97 25.34 17.08
N TYR C 199 22.10 24.60 16.40
CA TYR C 199 20.64 24.83 16.35
C TYR C 199 19.98 23.54 16.85
N SER C 200 18.89 23.70 17.59
CA SER C 200 18.15 22.58 18.24
C SER C 200 16.65 22.65 17.92
N CYS C 201 16.10 21.50 17.59
CA CYS C 201 14.65 21.27 17.40
C CYS C 201 14.15 20.49 18.63
N GLN C 202 13.40 21.11 19.55
CA GLN C 202 12.84 20.36 20.73
C GLN C 202 11.32 20.20 20.58
N VAL C 203 10.87 18.96 20.43
CA VAL C 203 9.45 18.52 20.34
C VAL C 203 8.98 18.13 21.75
N THR C 204 7.82 18.62 22.17
CA THR C 204 7.23 18.34 23.50
C THR C 204 5.90 17.61 23.31
N HIS C 205 5.72 16.51 24.04
CA HIS C 205 4.59 15.58 23.83
C HIS C 205 4.19 14.99 25.17
N GLU C 206 2.95 15.27 25.59
CA GLU C 206 2.41 14.85 26.89
C GLU C 206 3.37 15.38 27.96
N GLY C 207 3.91 16.60 27.80
CA GLY C 207 4.72 17.27 28.83
C GLY C 207 6.20 16.91 28.82
N SER C 208 6.61 15.82 28.12
CA SER C 208 8.01 15.29 28.10
C SER C 208 8.68 15.51 26.73
N THR C 209 9.92 15.99 26.73
CA THR C 209 10.67 16.60 25.58
C THR C 209 11.68 15.61 24.96
N VAL C 210 11.67 15.55 23.62
CA VAL C 210 12.65 14.88 22.71
C VAL C 210 13.36 15.97 21.88
N GLU C 211 14.69 16.09 21.94
CA GLU C 211 15.46 17.23 21.38
C GLU C 211 16.51 16.66 20.42
N LYS C 212 16.85 17.35 19.33
CA LYS C 212 17.87 16.95 18.33
C LYS C 212 18.71 18.20 18.02
N THR C 213 19.98 18.04 17.64
CA THR C 213 20.94 19.17 17.46
C THR C 213 21.83 18.91 16.23
N VAL C 214 22.04 19.94 15.42
CA VAL C 214 22.99 19.92 14.28
C VAL C 214 23.93 21.12 14.43
N ALA C 215 25.17 20.97 13.92
CA ALA C 215 26.24 21.99 13.98
C ALA C 215 26.85 22.18 12.59
N PRO C 216 27.34 23.38 12.25
CA PRO C 216 28.12 23.60 11.03
C PRO C 216 29.43 22.84 10.81
N THR C 217 30.08 22.27 11.85
CA THR C 217 31.37 21.51 11.74
C THR C 217 31.22 20.37 10.71
N GLU C 218 30.10 19.63 10.79
CA GLU C 218 29.57 18.68 9.77
C GLU C 218 30.54 17.49 9.61
N GLN D 5 8.63 -26.50 11.50
CA GLN D 5 9.10 -27.58 12.42
C GLN D 5 8.13 -28.79 12.36
N SER D 6 6.84 -28.64 12.72
CA SER D 6 5.79 -29.70 12.70
C SER D 6 6.13 -30.85 13.67
N VAL D 7 6.75 -30.52 14.82
CA VAL D 7 6.72 -31.31 16.10
C VAL D 7 5.34 -31.07 16.74
N LEU D 8 4.68 -29.97 16.32
CA LEU D 8 3.29 -29.55 16.64
C LEU D 8 2.37 -29.85 15.45
N THR D 9 1.21 -30.48 15.67
CA THR D 9 0.21 -30.74 14.62
C THR D 9 -0.93 -29.72 14.74
N GLN D 10 -1.26 -29.13 13.59
CA GLN D 10 -2.47 -28.33 13.30
C GLN D 10 -3.18 -29.06 12.17
N PRO D 11 -4.50 -28.85 11.97
CA PRO D 11 -5.17 -29.34 10.77
C PRO D 11 -4.79 -28.50 9.56
N PRO D 12 -4.62 -29.10 8.36
CA PRO D 12 -4.12 -28.36 7.19
C PRO D 12 -5.07 -27.19 6.87
N SER D 13 -6.38 -27.42 7.04
CA SER D 13 -7.44 -26.46 6.68
C SER D 13 -8.65 -26.51 7.63
N VAL D 14 -9.29 -25.36 7.83
CA VAL D 14 -10.60 -25.18 8.54
C VAL D 14 -11.50 -24.25 7.69
N SER D 15 -12.82 -24.43 7.77
CA SER D 15 -13.89 -23.76 6.99
C SER D 15 -15.05 -23.34 7.90
N ALA D 16 -15.28 -22.04 8.08
CA ALA D 16 -16.50 -21.48 8.70
C ALA D 16 -17.15 -20.44 7.76
N ALA D 17 -18.33 -19.93 8.12
CA ALA D 17 -19.04 -18.87 7.38
C ALA D 17 -18.90 -17.54 8.11
N PRO D 18 -19.07 -16.39 7.42
CA PRO D 18 -19.02 -15.09 8.08
C PRO D 18 -19.86 -15.08 9.36
N GLY D 19 -19.34 -14.46 10.42
CA GLY D 19 -20.07 -14.23 11.69
C GLY D 19 -20.02 -15.43 12.63
N GLN D 20 -19.53 -16.57 12.16
CA GLN D 20 -19.43 -17.81 12.96
C GLN D 20 -18.13 -17.83 13.77
N LYS D 21 -18.04 -18.82 14.67
CA LYS D 21 -16.82 -19.20 15.44
C LYS D 21 -16.14 -20.36 14.71
N VAL D 22 -14.81 -20.28 14.65
CA VAL D 22 -13.91 -21.34 14.12
C VAL D 22 -12.79 -21.51 15.17
N THR D 23 -12.31 -22.74 15.34
CA THR D 23 -11.15 -23.02 16.22
C THR D 23 -10.06 -23.70 15.40
N VAL D 24 -8.83 -23.38 15.73
CA VAL D 24 -7.65 -24.09 15.17
C VAL D 24 -6.91 -24.74 16.35
N SER D 25 -6.94 -26.08 16.38
CA SER D 25 -6.24 -26.93 17.37
C SER D 25 -4.74 -27.00 17.04
N CYS D 26 -3.92 -27.25 18.05
CA CYS D 26 -2.45 -27.31 17.97
C CYS D 26 -1.95 -28.30 19.02
N SER D 27 -1.71 -29.56 18.66
CA SER D 27 -1.32 -30.62 19.63
C SER D 27 0.18 -30.89 19.53
N GLY D 28 0.85 -30.96 20.69
CA GLY D 28 2.27 -31.32 20.82
C GLY D 28 2.44 -32.41 21.85
N SER D 29 3.17 -32.10 22.92
CA SER D 29 3.65 -33.04 23.97
C SER D 29 4.02 -32.24 25.22
N SER D 30 4.40 -32.92 26.29
CA SER D 30 4.69 -32.31 27.63
C SER D 30 5.86 -31.32 27.54
N SER D 31 6.89 -31.62 26.75
CA SER D 31 8.12 -30.81 26.66
C SER D 31 7.82 -29.48 25.96
N ASN D 32 6.86 -29.44 25.04
CA ASN D 32 6.56 -28.21 24.26
C ASN D 32 5.32 -27.54 24.89
N ILE D 33 4.12 -27.73 24.33
CA ILE D 33 2.88 -27.02 24.74
C ILE D 33 2.54 -27.31 26.21
N GLY D 34 2.75 -28.57 26.64
CA GLY D 34 2.60 -28.99 28.04
C GLY D 34 3.06 -27.91 29.01
N ASN D 35 4.34 -27.53 28.96
CA ASN D 35 4.99 -26.80 30.08
C ASN D 35 5.44 -25.40 29.63
N HIS D 36 4.94 -24.92 28.49
CA HIS D 36 5.36 -23.61 27.92
C HIS D 36 4.21 -22.91 27.22
N HIS D 37 4.32 -21.59 27.22
CA HIS D 37 3.33 -20.64 26.66
C HIS D 37 3.32 -20.79 25.13
N VAL D 38 2.13 -20.74 24.56
CA VAL D 38 1.89 -20.86 23.10
C VAL D 38 1.70 -19.44 22.53
N SER D 39 2.26 -19.19 21.34
CA SER D 39 1.98 -17.97 20.53
C SER D 39 1.26 -18.37 19.23
N TRP D 40 0.43 -17.47 18.71
CA TRP D 40 -0.27 -17.63 17.41
C TRP D 40 0.19 -16.56 16.39
N TYR D 41 0.36 -16.97 15.13
CA TYR D 41 0.91 -16.16 14.03
C TYR D 41 -0.02 -16.25 12.83
N GLN D 42 -0.42 -15.07 12.34
CA GLN D 42 -1.20 -14.91 11.08
C GLN D 42 -0.23 -14.57 9.96
N GLN D 43 -0.37 -15.29 8.85
CA GLN D 43 0.34 -15.00 7.59
C GLN D 43 -0.64 -14.77 6.45
N LEU D 44 -0.75 -13.52 6.00
CA LEU D 44 -1.46 -13.11 4.75
C LEU D 44 -0.55 -13.46 3.58
N PRO D 45 -1.09 -13.83 2.39
CA PRO D 45 -0.28 -14.20 1.23
C PRO D 45 0.94 -13.29 0.92
N GLY D 46 2.09 -13.93 0.75
CA GLY D 46 3.39 -13.26 0.50
C GLY D 46 3.69 -12.10 1.45
N THR D 47 3.38 -12.20 2.75
CA THR D 47 3.87 -11.22 3.74
C THR D 47 4.43 -11.95 4.98
N ALA D 48 5.20 -11.22 5.77
CA ALA D 48 5.76 -11.66 7.06
C ALA D 48 4.60 -12.04 7.97
N PRO D 49 4.75 -13.13 8.75
CA PRO D 49 3.81 -13.43 9.83
C PRO D 49 3.66 -12.29 10.83
N LYS D 50 2.47 -12.23 11.43
CA LYS D 50 2.07 -11.23 12.44
C LYS D 50 1.68 -11.98 13.70
N LEU D 51 2.22 -11.52 14.81
CA LEU D 51 1.80 -12.00 16.16
C LEU D 51 0.36 -11.57 16.42
N LEU D 52 -0.57 -12.53 16.58
CA LEU D 52 -1.91 -12.31 17.21
C LEU D 52 -1.85 -12.45 18.75
N ILE D 53 -1.45 -13.66 19.20
CA ILE D 53 -1.54 -14.16 20.61
C ILE D 53 -0.14 -14.56 21.12
N TYR D 54 0.22 -14.11 22.32
CA TYR D 54 1.38 -14.62 23.09
C TYR D 54 0.95 -14.97 24.51
N ASP D 55 1.87 -15.48 25.34
CA ASP D 55 1.63 -16.04 26.71
C ASP D 55 0.30 -16.81 26.71
N THR D 56 0.06 -17.57 25.63
CA THR D 56 -1.03 -18.55 25.44
C THR D 56 -2.40 -17.90 25.23
N THR D 57 -2.70 -16.77 25.91
CA THR D 57 -4.06 -16.20 25.97
C THR D 57 -4.10 -14.68 25.78
N VAL D 58 -2.97 -13.99 25.65
CA VAL D 58 -2.89 -12.50 25.59
C VAL D 58 -2.89 -12.02 24.12
N LEU D 59 -3.61 -10.92 23.84
CA LEU D 59 -3.60 -10.21 22.53
C LEU D 59 -2.39 -9.27 22.46
N SER D 60 -1.61 -9.29 21.38
CA SER D 60 -0.57 -8.24 21.15
C SER D 60 -1.32 -6.98 20.74
N SER D 61 -0.73 -5.80 21.02
CA SER D 61 -1.30 -4.46 20.71
C SER D 61 -2.08 -4.48 19.39
N GLY D 62 -3.31 -3.98 19.43
CA GLY D 62 -4.08 -3.65 18.22
C GLY D 62 -4.67 -4.89 17.57
N VAL D 63 -4.61 -6.05 18.21
CA VAL D 63 -5.37 -7.24 17.71
C VAL D 63 -6.74 -7.24 18.38
N PRO D 64 -7.82 -7.49 17.59
CA PRO D 64 -9.20 -7.52 18.12
C PRO D 64 -9.61 -8.70 19.03
N ASP D 65 -10.46 -8.42 20.04
CA ASP D 65 -10.98 -9.37 21.07
C ASP D 65 -11.70 -10.56 20.43
N ARG D 66 -11.94 -10.55 19.11
CA ARG D 66 -12.59 -11.65 18.33
C ARG D 66 -11.65 -12.87 18.32
N PHE D 67 -10.35 -12.61 18.47
CA PHE D 67 -9.25 -13.60 18.59
C PHE D 67 -8.99 -13.90 20.07
N SER D 68 -8.83 -15.19 20.36
CA SER D 68 -8.53 -15.69 21.72
C SER D 68 -7.64 -16.93 21.59
N GLY D 69 -6.91 -17.20 22.67
CA GLY D 69 -6.06 -18.39 22.81
C GLY D 69 -6.38 -19.11 24.09
N SER D 70 -6.55 -20.44 24.04
CA SER D 70 -6.56 -21.29 25.26
C SER D 70 -5.57 -22.44 25.12
N LYS D 71 -5.35 -23.13 26.23
CA LYS D 71 -4.41 -24.26 26.38
C LYS D 71 -5.05 -25.26 27.35
N SER D 72 -5.10 -26.52 26.96
CA SER D 72 -5.59 -27.66 27.76
C SER D 72 -4.57 -28.80 27.71
N GLY D 73 -3.74 -28.94 28.76
CA GLY D 73 -2.65 -29.94 28.83
C GLY D 73 -1.65 -29.79 27.69
N THR D 74 -1.64 -30.74 26.75
CA THR D 74 -0.67 -30.80 25.61
C THR D 74 -1.26 -30.19 24.31
N SER D 75 -2.46 -29.59 24.36
CA SER D 75 -3.10 -28.93 23.19
C SER D 75 -3.36 -27.45 23.49
N ALA D 76 -3.28 -26.61 22.46
CA ALA D 76 -3.68 -25.19 22.48
C ALA D 76 -4.73 -24.94 21.40
N THR D 77 -5.57 -23.93 21.58
CA THR D 77 -6.64 -23.61 20.62
C THR D 77 -6.63 -22.12 20.31
N LEU D 78 -6.75 -21.78 19.02
CA LEU D 78 -7.03 -20.41 18.53
C LEU D 78 -8.52 -20.30 18.26
N GLY D 79 -9.15 -19.30 18.87
CA GLY D 79 -10.57 -18.96 18.62
C GLY D 79 -10.70 -17.70 17.78
N ILE D 80 -11.55 -17.74 16.76
CA ILE D 80 -11.94 -16.53 15.98
C ILE D 80 -13.46 -16.46 15.98
N THR D 81 -14.05 -15.50 16.72
CA THR D 81 -15.51 -15.21 16.72
C THR D 81 -15.80 -14.06 15.75
N GLY D 82 -17.05 -13.93 15.32
CA GLY D 82 -17.45 -12.94 14.30
C GLY D 82 -16.46 -12.91 13.15
N LEU D 83 -16.25 -14.09 12.55
CA LEU D 83 -15.37 -14.34 11.38
C LEU D 83 -15.65 -13.34 10.25
N GLN D 84 -14.62 -12.61 9.80
CA GLN D 84 -14.64 -11.65 8.66
C GLN D 84 -13.88 -12.27 7.49
N THR D 85 -14.14 -11.86 6.24
CA THR D 85 -13.47 -12.37 5.00
C THR D 85 -11.97 -11.95 5.01
N GLY D 86 -11.62 -10.92 5.79
CA GLY D 86 -10.27 -10.38 5.99
C GLY D 86 -9.42 -11.27 6.87
N ASP D 87 -10.00 -12.35 7.39
CA ASP D 87 -9.36 -13.36 8.27
C ASP D 87 -8.89 -14.58 7.46
N GLU D 88 -9.23 -14.71 6.16
CA GLU D 88 -8.69 -15.75 5.25
C GLU D 88 -7.16 -15.57 5.26
N ALA D 89 -6.38 -16.63 5.50
CA ALA D 89 -4.96 -16.57 5.90
C ALA D 89 -4.44 -17.94 6.39
N ASP D 90 -3.12 -18.04 6.57
CA ASP D 90 -2.44 -19.19 7.21
C ASP D 90 -2.17 -18.81 8.68
N TYR D 91 -2.47 -19.75 9.59
CA TYR D 91 -2.36 -19.59 11.05
C TYR D 91 -1.38 -20.64 11.56
N TYR D 92 -0.39 -20.17 12.33
CA TYR D 92 0.71 -21.00 12.87
C TYR D 92 0.74 -20.86 14.40
N CYS D 93 0.79 -21.97 15.14
CA CYS D 93 1.13 -21.96 16.59
C CYS D 93 2.63 -22.08 16.77
N GLY D 94 3.16 -21.50 17.86
CA GLY D 94 4.60 -21.55 18.22
C GLY D 94 4.78 -21.81 19.71
N THR D 95 5.86 -22.49 20.08
CA THR D 95 6.35 -22.54 21.48
C THR D 95 7.82 -22.97 21.53
N TRP D 96 8.36 -23.04 22.75
CA TRP D 96 9.70 -23.55 23.11
C TRP D 96 9.55 -25.05 23.35
N ASP D 97 10.58 -25.86 23.09
CA ASP D 97 10.62 -27.31 23.42
C ASP D 97 11.85 -27.52 24.31
N GLU D 98 11.69 -27.73 25.63
CA GLU D 98 12.82 -27.75 26.62
C GLU D 98 13.64 -29.05 26.47
N LEU D 99 13.12 -30.03 25.73
CA LEU D 99 13.84 -31.24 25.23
C LEU D 99 14.90 -30.82 24.20
N THR D 100 14.47 -30.30 23.04
CA THR D 100 15.35 -29.98 21.89
C THR D 100 16.00 -28.59 22.08
N SER D 101 15.51 -27.76 22.99
CA SER D 101 15.92 -26.33 23.15
C SER D 101 15.77 -25.58 21.81
N ASN D 102 14.65 -25.85 21.13
CA ASN D 102 14.24 -25.23 19.83
C ASN D 102 12.94 -24.46 20.06
N LEU D 103 12.78 -23.33 19.36
CA LEU D 103 11.44 -22.80 19.04
C LEU D 103 10.83 -23.76 18.02
N VAL D 104 9.56 -24.11 18.17
CA VAL D 104 8.84 -25.00 17.22
C VAL D 104 7.59 -24.29 16.70
N PHE D 105 7.13 -24.75 15.56
CA PHE D 105 5.94 -24.24 14.86
C PHE D 105 5.06 -25.43 14.51
N GLY D 106 3.75 -25.22 14.39
CA GLY D 106 2.85 -26.18 13.73
C GLY D 106 3.04 -26.08 12.24
N GLY D 107 2.58 -27.08 11.48
CA GLY D 107 2.64 -27.13 10.01
C GLY D 107 1.82 -26.05 9.37
N GLY D 108 1.00 -25.34 10.15
CA GLY D 108 0.16 -24.22 9.69
C GLY D 108 -1.23 -24.70 9.30
N THR D 109 -2.19 -23.78 9.38
CA THR D 109 -3.59 -24.04 9.01
C THR D 109 -4.10 -22.92 8.10
N LYS D 110 -4.62 -23.33 6.92
CA LYS D 110 -5.26 -22.45 5.91
C LYS D 110 -6.74 -22.27 6.25
N LEU D 111 -7.16 -21.02 6.51
CA LEU D 111 -8.58 -20.65 6.81
C LEU D 111 -9.30 -20.20 5.53
N THR D 112 -10.36 -20.91 5.12
CA THR D 112 -11.36 -20.45 4.10
C THR D 112 -12.59 -19.85 4.79
N VAL D 113 -13.11 -18.74 4.29
CA VAL D 113 -14.44 -18.19 4.71
C VAL D 113 -15.47 -18.59 3.63
N LEU D 114 -16.35 -19.52 3.99
CA LEU D 114 -17.27 -20.16 3.02
C LEU D 114 -18.43 -19.22 2.69
N GLY D 115 -19.17 -19.57 1.63
CA GLY D 115 -20.33 -18.81 1.12
C GLY D 115 -19.98 -17.38 0.70
N GLN D 116 -18.72 -17.09 0.40
CA GLN D 116 -18.31 -15.86 -0.31
C GLN D 116 -19.02 -15.93 -1.66
N PRO D 117 -19.39 -14.77 -2.26
CA PRO D 117 -20.01 -14.73 -3.60
C PRO D 117 -19.01 -15.04 -4.73
N LYS D 118 -19.41 -15.90 -5.65
CA LYS D 118 -18.66 -16.21 -6.89
C LYS D 118 -18.42 -14.90 -7.65
N ALA D 119 -17.30 -14.83 -8.37
CA ALA D 119 -16.81 -13.65 -9.12
C ALA D 119 -16.17 -14.15 -10.41
N ALA D 120 -16.64 -13.66 -11.56
CA ALA D 120 -16.16 -14.07 -12.90
C ALA D 120 -14.77 -13.52 -13.11
N PRO D 121 -13.89 -14.26 -13.83
CA PRO D 121 -12.56 -13.76 -14.18
C PRO D 121 -12.59 -12.63 -15.21
N SER D 122 -11.75 -11.62 -15.07
CA SER D 122 -11.41 -10.67 -16.17
C SER D 122 -10.25 -11.30 -16.95
N VAL D 123 -10.32 -11.22 -18.27
CA VAL D 123 -9.28 -11.72 -19.20
C VAL D 123 -8.80 -10.55 -20.06
N THR D 124 -7.53 -10.17 -19.91
CA THR D 124 -6.79 -9.29 -20.84
C THR D 124 -5.81 -10.16 -21.64
N LEU D 125 -5.85 -10.09 -22.95
CA LEU D 125 -4.98 -10.91 -23.85
C LEU D 125 -4.16 -9.97 -24.73
N PHE D 126 -2.83 -9.98 -24.54
CA PHE D 126 -1.88 -9.21 -25.40
C PHE D 126 -1.28 -10.09 -26.48
N PRO D 127 -1.11 -9.55 -27.70
CA PRO D 127 -0.44 -10.27 -28.78
C PRO D 127 1.05 -9.99 -28.64
N PRO D 128 1.92 -10.66 -29.44
CA PRO D 128 3.35 -10.38 -29.43
C PRO D 128 3.62 -8.92 -29.76
N SER D 129 4.56 -8.30 -29.04
CA SER D 129 5.00 -6.91 -29.30
C SER D 129 5.84 -6.87 -30.58
N SER D 130 6.03 -5.68 -31.13
CA SER D 130 6.84 -5.43 -32.35
C SER D 130 8.28 -5.82 -32.06
N GLU D 131 8.75 -5.42 -30.88
CA GLU D 131 10.16 -5.58 -30.46
C GLU D 131 10.44 -7.08 -30.36
N GLU D 132 9.51 -7.85 -29.77
CA GLU D 132 9.69 -9.30 -29.56
C GLU D 132 9.68 -9.99 -30.93
N LEU D 133 8.73 -9.72 -31.79
CA LEU D 133 8.79 -10.25 -33.17
C LEU D 133 10.15 -9.93 -33.83
N GLN D 134 10.66 -8.69 -33.67
CA GLN D 134 11.94 -8.25 -34.30
C GLN D 134 13.14 -9.00 -33.71
N ALA D 135 13.00 -9.60 -32.51
CA ALA D 135 13.97 -10.56 -31.92
C ALA D 135 13.60 -12.01 -32.26
N ASN D 136 12.79 -12.24 -33.28
CA ASN D 136 12.35 -13.56 -33.83
C ASN D 136 11.76 -14.47 -32.74
N LYS D 137 10.98 -13.90 -31.81
CA LYS D 137 10.27 -14.65 -30.74
C LYS D 137 8.85 -14.09 -30.62
N ALA D 138 7.93 -14.83 -29.99
CA ALA D 138 6.50 -14.48 -29.90
C ALA D 138 5.86 -15.03 -28.63
N THR D 139 5.38 -14.14 -27.76
CA THR D 139 4.68 -14.48 -26.50
C THR D 139 3.27 -13.85 -26.47
N LEU D 140 2.25 -14.71 -26.45
CA LEU D 140 0.84 -14.35 -26.13
C LEU D 140 0.68 -14.40 -24.62
N VAL D 141 0.16 -13.33 -24.05
CA VAL D 141 0.04 -13.09 -22.59
C VAL D 141 -1.43 -12.94 -22.24
N CYS D 142 -1.92 -13.79 -21.35
CA CYS D 142 -3.33 -13.90 -20.99
C CYS D 142 -3.43 -13.70 -19.47
N LEU D 143 -3.89 -12.54 -19.02
CA LEU D 143 -3.89 -12.16 -17.59
C LEU D 143 -5.33 -12.25 -17.05
N ILE D 144 -5.48 -12.90 -15.90
CA ILE D 144 -6.80 -13.41 -15.39
C ILE D 144 -6.88 -12.99 -13.93
N SER D 145 -7.87 -12.16 -13.59
CA SER D 145 -7.92 -11.43 -12.30
C SER D 145 -9.36 -11.36 -11.78
N ASP D 146 -9.45 -11.10 -10.48
CA ASP D 146 -10.71 -10.87 -9.73
C ASP D 146 -11.67 -12.05 -9.89
N PHE D 147 -11.21 -13.30 -9.73
CA PHE D 147 -12.13 -14.48 -9.77
C PHE D 147 -12.19 -15.16 -8.41
N TYR D 148 -13.36 -15.75 -8.09
CA TYR D 148 -13.63 -16.53 -6.85
C TYR D 148 -14.61 -17.66 -7.14
N PRO D 149 -14.38 -18.88 -6.60
CA PRO D 149 -13.15 -19.27 -5.93
C PRO D 149 -11.93 -19.39 -6.88
N GLY D 150 -10.74 -19.66 -6.32
CA GLY D 150 -9.48 -19.67 -7.07
C GLY D 150 -9.23 -20.95 -7.84
N ALA D 151 -10.09 -21.39 -8.74
CA ALA D 151 -9.86 -22.57 -9.59
C ALA D 151 -10.29 -22.25 -11.02
N VAL D 152 -9.32 -22.16 -11.90
CA VAL D 152 -9.51 -21.95 -13.36
C VAL D 152 -8.80 -23.08 -14.10
N THR D 153 -9.29 -23.44 -15.27
CA THR D 153 -8.53 -24.14 -16.31
C THR D 153 -8.41 -23.16 -17.50
N VAL D 154 -7.27 -23.15 -18.18
CA VAL D 154 -6.98 -22.32 -19.38
C VAL D 154 -6.63 -23.26 -20.55
N ALA D 155 -7.29 -23.11 -21.68
CA ALA D 155 -6.98 -23.82 -22.94
C ALA D 155 -6.69 -22.73 -23.97
N TRP D 156 -5.85 -23.03 -24.98
CA TRP D 156 -5.54 -22.11 -26.09
C TRP D 156 -6.08 -22.71 -27.39
N LYS D 157 -6.39 -21.86 -28.35
CA LYS D 157 -6.81 -22.27 -29.71
C LYS D 157 -6.03 -21.44 -30.74
N ALA D 158 -5.67 -22.10 -31.83
CA ALA D 158 -5.12 -21.49 -33.06
C ALA D 158 -6.14 -21.71 -34.17
N ASP D 159 -6.72 -20.61 -34.67
CA ASP D 159 -8.06 -20.61 -35.32
C ASP D 159 -9.01 -21.15 -34.26
N SER D 160 -9.61 -22.32 -34.45
CA SER D 160 -10.48 -22.97 -33.40
C SER D 160 -9.91 -24.34 -32.99
N SER D 161 -8.66 -24.64 -33.37
CA SER D 161 -7.97 -25.92 -33.11
C SER D 161 -7.17 -25.81 -31.81
N PRO D 162 -7.26 -26.82 -30.93
CA PRO D 162 -6.61 -26.76 -29.62
C PRO D 162 -5.07 -26.83 -29.70
N VAL D 163 -4.37 -26.13 -28.80
CA VAL D 163 -2.90 -25.94 -28.82
C VAL D 163 -2.32 -26.27 -27.44
N LYS D 164 -1.62 -27.40 -27.24
CA LYS D 164 -1.02 -27.83 -25.93
C LYS D 164 0.46 -27.42 -25.88
N ALA D 165 1.17 -27.65 -27.00
CA ALA D 165 2.54 -27.16 -27.29
C ALA D 165 2.66 -25.68 -26.90
N GLY D 166 3.52 -25.37 -25.95
CA GLY D 166 4.04 -24.01 -25.74
C GLY D 166 3.38 -23.29 -24.59
N VAL D 167 2.48 -23.95 -23.87
CA VAL D 167 1.62 -23.30 -22.82
C VAL D 167 2.29 -23.39 -21.46
N GLU D 168 2.32 -22.31 -20.69
CA GLU D 168 2.80 -22.28 -19.29
C GLU D 168 1.83 -21.46 -18.44
N THR D 169 1.14 -22.05 -17.47
CA THR D 169 0.03 -21.38 -16.73
C THR D 169 0.39 -21.26 -15.25
N THR D 170 0.31 -20.08 -14.62
CA THR D 170 0.54 -19.99 -13.17
C THR D 170 -0.56 -20.80 -12.47
N THR D 171 -0.32 -21.28 -11.26
CA THR D 171 -1.46 -21.64 -10.37
C THR D 171 -2.01 -20.31 -9.87
N PRO D 172 -3.33 -20.27 -9.55
CA PRO D 172 -4.00 -19.10 -8.99
C PRO D 172 -3.31 -18.50 -7.77
N SER D 173 -3.40 -17.21 -7.47
CA SER D 173 -2.83 -16.64 -6.22
C SER D 173 -3.79 -15.61 -5.64
N LYS D 174 -3.77 -15.40 -4.34
CA LYS D 174 -4.75 -14.56 -3.63
C LYS D 174 -4.35 -13.09 -3.74
N GLN D 175 -5.16 -12.29 -4.44
CA GLN D 175 -5.07 -10.81 -4.42
C GLN D 175 -5.40 -10.35 -2.99
N SER D 176 -5.17 -9.07 -2.70
CA SER D 176 -5.34 -8.48 -1.33
C SER D 176 -6.84 -8.51 -0.94
N ASN D 177 -7.74 -8.44 -1.94
CA ASN D 177 -9.22 -8.37 -1.77
C ASN D 177 -9.83 -9.77 -1.76
N ASN D 178 -9.09 -10.80 -1.35
CA ASN D 178 -9.56 -12.21 -1.22
C ASN D 178 -9.93 -12.84 -2.58
N LYS D 179 -9.90 -12.11 -3.71
CA LYS D 179 -10.13 -12.72 -5.05
C LYS D 179 -8.77 -13.19 -5.61
N TYR D 180 -8.77 -14.05 -6.62
CA TYR D 180 -7.55 -14.69 -7.15
C TYR D 180 -7.14 -14.07 -8.50
N ALA D 181 -5.85 -14.16 -8.82
CA ALA D 181 -5.23 -13.81 -10.14
C ALA D 181 -4.39 -14.99 -10.63
N ALA D 182 -4.32 -15.18 -11.95
CA ALA D 182 -3.48 -16.20 -12.63
C ALA D 182 -2.99 -15.63 -13.97
N SER D 183 -1.92 -16.19 -14.54
CA SER D 183 -1.32 -15.81 -15.84
C SER D 183 -1.19 -17.08 -16.68
N SER D 184 -1.38 -17.01 -17.98
CA SER D 184 -0.97 -18.08 -18.92
C SER D 184 -0.25 -17.46 -20.12
N TYR D 185 0.90 -18.03 -20.48
CA TYR D 185 1.80 -17.58 -21.56
C TYR D 185 1.88 -18.68 -22.61
N LEU D 186 1.62 -18.34 -23.88
CA LEU D 186 1.84 -19.27 -25.01
C LEU D 186 2.99 -18.72 -25.87
N SER D 187 4.08 -19.49 -25.97
CA SER D 187 5.27 -19.20 -26.81
C SER D 187 5.06 -19.78 -28.20
N LEU D 188 5.33 -18.95 -29.21
CA LEU D 188 5.19 -19.27 -30.66
C LEU D 188 6.45 -18.87 -31.41
N THR D 189 6.55 -19.33 -32.66
CA THR D 189 7.44 -18.73 -33.66
C THR D 189 6.66 -17.62 -34.37
N PRO D 190 7.32 -16.49 -34.70
CA PRO D 190 6.78 -15.50 -35.64
C PRO D 190 5.93 -16.02 -36.79
N GLU D 191 6.28 -17.17 -37.39
CA GLU D 191 5.58 -17.73 -38.59
C GLU D 191 4.28 -18.41 -38.16
N GLN D 192 4.24 -19.02 -36.97
CA GLN D 192 2.99 -19.60 -36.41
C GLN D 192 1.96 -18.48 -36.15
N TRP D 193 2.39 -17.40 -35.47
CA TRP D 193 1.60 -16.17 -35.20
C TRP D 193 1.06 -15.60 -36.52
N LYS D 194 1.93 -15.32 -37.50
CA LYS D 194 1.55 -14.65 -38.79
C LYS D 194 0.66 -15.56 -39.65
N SER D 195 0.79 -16.89 -39.54
CA SER D 195 0.14 -17.87 -40.44
C SER D 195 -1.36 -18.03 -40.10
N HIS D 196 -1.74 -17.96 -38.82
CA HIS D 196 -3.12 -18.26 -38.32
C HIS D 196 -3.97 -16.98 -38.30
N ARG D 197 -5.26 -17.13 -38.57
CA ARG D 197 -6.25 -16.02 -38.63
C ARG D 197 -6.38 -15.41 -37.21
N SER D 198 -6.32 -16.24 -36.16
CA SER D 198 -6.37 -15.79 -34.75
C SER D 198 -5.91 -16.89 -33.76
N TYR D 199 -5.59 -16.43 -32.56
CA TYR D 199 -5.27 -17.25 -31.36
C TYR D 199 -6.27 -16.83 -30.26
N SER D 200 -6.70 -17.79 -29.43
CA SER D 200 -7.71 -17.60 -28.35
C SER D 200 -7.21 -18.16 -27.02
N CYS D 201 -7.41 -17.38 -25.95
CA CYS D 201 -7.16 -17.80 -24.56
C CYS D 201 -8.53 -18.01 -23.89
N GLN D 202 -8.91 -19.27 -23.63
CA GLN D 202 -10.21 -19.66 -23.04
C GLN D 202 -10.02 -20.07 -21.59
N VAL D 203 -10.57 -19.25 -20.68
CA VAL D 203 -10.60 -19.45 -19.20
C VAL D 203 -11.92 -20.13 -18.83
N THR D 204 -11.87 -21.20 -18.02
CA THR D 204 -13.04 -21.96 -17.51
C THR D 204 -13.05 -21.87 -16.00
N HIS D 205 -14.22 -21.65 -15.41
CA HIS D 205 -14.40 -21.32 -13.98
C HIS D 205 -15.83 -21.65 -13.62
N GLU D 206 -16.01 -22.62 -12.72
CA GLU D 206 -17.33 -22.96 -12.13
C GLU D 206 -18.30 -23.27 -13.28
N GLY D 207 -17.86 -23.95 -14.33
CA GLY D 207 -18.74 -24.34 -15.45
C GLY D 207 -18.70 -23.35 -16.59
N SER D 208 -18.17 -22.12 -16.40
CA SER D 208 -18.22 -21.00 -17.37
C SER D 208 -16.93 -20.89 -18.20
N THR D 209 -17.03 -21.05 -19.52
CA THR D 209 -15.92 -20.78 -20.46
C THR D 209 -16.14 -19.44 -21.17
N VAL D 210 -15.14 -18.57 -20.98
CA VAL D 210 -15.06 -17.16 -21.46
C VAL D 210 -13.74 -17.04 -22.26
N GLU D 211 -13.74 -16.48 -23.46
CA GLU D 211 -12.53 -16.38 -24.30
C GLU D 211 -12.15 -14.91 -24.59
N LYS D 212 -10.88 -14.72 -24.94
CA LYS D 212 -10.36 -13.50 -25.61
C LYS D 212 -9.59 -13.94 -26.84
N THR D 213 -9.50 -13.09 -27.86
CA THR D 213 -8.98 -13.43 -29.20
C THR D 213 -8.14 -12.25 -29.75
N VAL D 214 -6.97 -12.55 -30.30
CA VAL D 214 -6.10 -11.54 -30.97
C VAL D 214 -5.77 -12.06 -32.36
N ALA D 215 -5.53 -11.15 -33.31
CA ALA D 215 -5.18 -11.44 -34.72
C ALA D 215 -3.94 -10.65 -35.11
N PRO D 216 -3.10 -11.15 -36.05
CA PRO D 216 -2.07 -10.32 -36.71
C PRO D 216 -2.60 -9.17 -37.58
N THR D 217 -1.88 -8.03 -37.65
CA THR D 217 -2.14 -6.88 -38.57
C THR D 217 -3.54 -7.00 -39.19
CL CL E . -33.13 10.65 -19.80
C1 EDO F . -16.77 35.12 -16.06
O1 EDO F . -18.17 35.00 -16.01
C2 EDO F . -16.21 34.33 -17.18
O2 EDO F . -14.81 34.25 -17.15
H11 EDO F . -16.37 34.81 -15.22
H12 EDO F . -16.53 36.07 -16.19
HO1 EDO F . -18.45 35.45 -15.32
H21 EDO F . -16.48 34.73 -18.04
H22 EDO F . -16.58 33.42 -17.15
HO2 EDO F . -14.48 35.03 -17.19
C1 EDO G . -25.53 24.30 -16.52
O1 EDO G . -25.63 24.42 -17.93
C2 EDO G . -25.65 25.57 -15.78
O2 EDO G . -26.29 25.40 -14.54
H11 EDO G . -24.67 23.90 -16.31
H12 EDO G . -26.23 23.69 -16.21
HO1 EDO G . -25.49 23.67 -18.31
H21 EDO G . -26.18 26.21 -16.33
H22 EDO G . -24.76 25.96 -15.65
HO2 EDO G . -27.10 25.21 -14.66
C1 EDO H . -30.05 18.59 -20.52
O1 EDO H . -29.80 18.09 -21.82
C2 EDO H . -30.06 20.06 -20.48
O2 EDO H . -31.19 20.57 -19.81
H11 EDO H . -29.37 18.25 -19.91
H12 EDO H . -30.92 18.25 -20.22
HO1 EDO H . -29.79 17.25 -21.81
H21 EDO H . -30.04 20.41 -21.39
H22 EDO H . -29.26 20.37 -20.02
HO2 EDO H . -31.16 20.35 -18.99
C1 EDO I . -28.70 4.76 -24.37
O1 EDO I . -30.04 4.67 -23.91
C2 EDO I . -27.95 5.93 -23.81
O2 EDO I . -28.19 6.16 -22.42
H11 EDO I . -28.72 4.84 -25.35
H12 EDO I . -28.23 3.93 -24.14
HO1 EDO I . -30.37 3.93 -24.28
H21 EDO I . -28.21 6.74 -24.30
H22 EDO I . -27.00 5.78 -23.95
HO2 EDO I . -28.78 5.63 -22.14
C1 EDO J . -15.73 5.25 -30.81
O1 EDO J . -16.87 4.42 -30.95
C2 EDO J . -16.04 6.70 -30.68
O2 EDO J . -15.29 7.33 -29.66
H11 EDO J . -15.15 5.11 -31.59
H12 EDO J . -15.23 4.96 -30.01
HO1 EDO J . -16.64 3.67 -31.04
H21 EDO J . -16.99 6.80 -30.50
H22 EDO J . -15.85 7.13 -31.54
HO2 EDO J . -14.47 7.30 -29.86
C1 EDO K . 12.75 25.34 -9.64
O1 EDO K . 12.10 25.17 -10.88
C2 EDO K . 13.12 26.76 -9.39
O2 EDO K . 12.08 27.50 -8.80
H11 EDO K . 13.55 24.79 -9.63
H12 EDO K . 12.14 25.04 -8.93
HO1 EDO K . 11.89 24.43 -11.06
H21 EDO K . 13.37 27.17 -10.24
H22 EDO K . 13.91 26.77 -8.80
HO2 EDO K . 11.44 27.57 -9.35
C1 EDO L . -10.51 4.57 -4.44
O1 EDO L . -11.39 4.94 -5.47
C2 EDO L . -9.40 5.54 -4.24
O2 EDO L . -9.45 6.28 -3.02
H11 EDO L . -10.12 3.69 -4.63
H12 EDO L . -11.00 4.49 -3.60
HO1 EDO L . -11.94 4.36 -5.51
H21 EDO L . -9.41 6.18 -4.99
H22 EDO L . -8.54 5.06 -4.28
HO2 EDO L . -9.37 5.74 -2.37
C1 EDO M . -21.09 23.45 -22.74
O1 EDO M . -21.70 24.21 -23.78
C2 EDO M . -20.79 24.25 -21.53
O2 EDO M . -21.63 25.39 -21.43
H11 EDO M . -20.25 23.05 -23.07
H12 EDO M . -21.69 22.71 -22.49
HO1 EDO M . -21.86 23.63 -24.39
H21 EDO M . -19.85 24.53 -21.56
H22 EDO M . -20.92 23.68 -20.74
HO2 EDO M . -22.02 25.53 -22.16
C1 EDO N . -19.14 16.48 -24.87
O1 EDO N . -18.91 17.19 -23.67
C2 EDO N . -20.59 16.34 -25.19
O2 EDO N . -20.96 15.03 -25.57
H11 EDO N . -18.75 15.58 -24.80
H12 EDO N . -18.70 16.94 -25.61
HO1 EDO N . -18.02 17.33 -23.62
H21 EDO N . -20.82 16.96 -25.90
H22 EDO N . -21.10 16.60 -24.39
HO2 EDO N . -20.55 14.82 -26.28
C1 PEG O . -35.72 15.10 -22.28
O1 PEG O . -35.74 15.43 -20.90
C2 PEG O . -34.42 14.49 -22.70
O2 PEG O . -34.56 13.82 -23.95
C3 PEG O . -33.33 13.54 -24.60
C4 PEG O . -33.15 12.07 -24.75
O4 PEG O . -31.79 11.71 -24.90
H11 PEG O . -35.87 15.91 -22.79
H12 PEG O . -36.45 14.47 -22.47
HO1 PEG O . -36.52 15.78 -20.71
H21 PEG O . -34.11 13.85 -22.03
H22 PEG O . -33.73 15.19 -22.79
H31 PEG O . -32.59 13.92 -24.07
H32 PEG O . -33.31 13.97 -25.49
H41 PEG O . -33.65 11.76 -25.54
H42 PEG O . -33.51 11.62 -23.96
HO4 PEG O . -31.31 12.41 -24.89
C1 PEG P . -0.82 21.32 7.44
O1 PEG P . -0.39 20.34 6.52
C2 PEG P . -0.59 22.71 6.95
O2 PEG P . -0.25 23.55 8.04
C3 PEG P . 0.32 24.80 7.66
C4 PEG P . -0.75 25.86 7.59
O4 PEG P . -0.23 27.16 7.70
H11 PEG P . -0.35 21.19 8.29
H12 PEG P . -1.78 21.19 7.61
HO1 PEG P . -0.52 19.52 6.85
H21 PEG P . -1.40 23.05 6.51
H22 PEG P . 0.14 22.71 6.29
H31 PEG P . 0.75 24.71 6.79
H32 PEG P . 1.00 25.08 8.32
H41 PEG P . -1.40 25.70 8.30
H42 PEG P . -1.22 25.77 6.72
HO4 PEG P . 0.43 27.25 7.19
C TRS Q . 28.28 5.18 -3.66
C1 TRS Q . 26.99 4.39 -3.95
C2 TRS Q . 28.17 5.93 -2.34
C3 TRS Q . 28.63 6.13 -4.81
N TRS Q . 29.38 4.17 -3.53
O1 TRS Q . 27.21 3.42 -4.97
O2 TRS Q . 29.34 5.79 -1.54
O3 TRS Q . 28.53 5.51 -6.09
H11 TRS Q . 26.30 5.01 -4.22
H12 TRS Q . 26.70 3.94 -3.13
H21 TRS Q . 27.40 5.60 -1.83
H22 TRS Q . 28.02 6.88 -2.51
H31 TRS Q . 29.54 6.45 -4.68
H32 TRS Q . 28.02 6.90 -4.78
HN1 TRS Q . 30.10 4.40 -4.04
HN2 TRS Q . 29.10 3.35 -3.80
HN3 TRS Q . 29.65 4.10 -2.67
HO1 TRS Q . 26.44 3.00 -5.13
HO2 TRS Q . 29.24 6.16 -0.84
HO3 TRS Q . 29.21 5.02 -6.20
C TRS R . -18.79 -2.14 -6.28
C1 TRS R . -20.27 -2.42 -6.52
C2 TRS R . -17.95 -2.49 -7.52
C3 TRS R . -18.56 -0.67 -5.88
N TRS R . -18.33 -3.00 -5.13
O1 TRS R . -21.07 -2.12 -5.39
O2 TRS R . -18.59 -3.45 -8.36
O3 TRS R . -17.29 -0.47 -5.28
H11 TRS R . -20.38 -3.36 -6.75
H12 TRS R . -20.58 -1.89 -7.28
H21 TRS R . -17.09 -2.85 -7.22
H22 TRS R . -17.79 -1.69 -8.03
H31 TRS R . -19.26 -0.40 -5.25
H32 TRS R . -18.64 -0.11 -6.68
HN1 TRS R . -17.67 -2.58 -4.67
HN2 TRS R . -18.01 -3.80 -5.43
HN3 TRS R . -19.02 -3.16 -4.57
HO1 TRS R . -21.74 -2.26 -5.38
HO2 TRS R . -18.15 -3.65 -9.02
HO3 TRS R . -16.71 -0.42 -5.89
CL CL S . 23.66 -12.57 26.80
CL CL T . 27.03 -24.00 14.04
C1 EDO U . 19.35 -11.11 -21.03
O1 EDO U . 19.55 -12.27 -21.82
C2 EDO U . 19.94 -9.89 -21.63
O2 EDO U . 19.32 -8.73 -21.14
H11 EDO U . 19.72 -11.26 -20.14
H12 EDO U . 18.38 -10.97 -20.92
HO1 EDO U . 19.15 -12.90 -21.36
H21 EDO U . 19.84 -9.93 -22.60
H22 EDO U . 20.89 -9.86 -21.41
HO2 EDO U . 19.32 -8.74 -20.29
C1 PEG V . 23.47 -8.58 -17.61
O1 PEG V . 22.56 -8.67 -18.69
C2 PEG V . 23.60 -7.20 -17.09
O2 PEG V . 22.31 -6.59 -17.05
C3 PEG V . 22.34 -5.16 -17.01
C4 PEG V . 21.35 -4.60 -17.99
O4 PEG V . 21.01 -3.26 -17.72
H11 PEG V . 24.35 -8.90 -17.91
H12 PEG V . 23.17 -9.17 -16.89
HO1 PEG V . 22.45 -9.54 -18.92
H21 PEG V . 24.20 -6.68 -17.65
H22 PEG V . 23.98 -7.22 -16.18
H31 PEG V . 23.24 -4.83 -17.23
H32 PEG V . 22.12 -4.86 -16.11
H41 PEG V . 20.54 -5.15 -17.98
H42 PEG V . 21.73 -4.65 -18.90
HO4 PEG V . 21.72 -2.80 -17.67
C1 PEG W . 4.43 -22.05 -12.33
O1 PEG W . 3.76 -23.11 -13.00
C2 PEG W . 3.97 -21.89 -10.91
O2 PEG W . 3.96 -20.51 -10.57
C3 PEG W . 3.22 -20.22 -9.39
C4 PEG W . 2.49 -18.91 -9.54
O4 PEG W . 2.87 -17.95 -8.57
H11 PEG W . 4.26 -21.21 -12.81
H12 PEG W . 5.39 -22.23 -12.34
HO1 PEG W . 4.03 -23.23 -13.76
H21 PEG W . 4.57 -22.37 -10.30
H22 PEG W . 3.07 -22.27 -10.82
H31 PEG W . 3.85 -20.16 -8.63
H32 PEG W . 2.58 -20.93 -9.20
H41 PEG W . 1.53 -19.07 -9.47
H42 PEG W . 2.67 -18.55 -10.43
HO4 PEG W . 2.67 -18.23 -7.80
C1 PEG X . -4.82 -5.93 -26.22
O1 PEG X . -5.76 -6.12 -27.27
C2 PEG X . -5.44 -6.01 -24.86
O2 PEG X . -6.45 -5.00 -24.72
C3 PEG X . -5.95 -3.73 -24.30
C4 PEG X . -7.05 -2.96 -23.63
O4 PEG X . -6.84 -1.55 -23.67
H11 PEG X . -4.39 -5.06 -26.34
H12 PEG X . -4.13 -6.62 -26.31
HO1 PEG X . -5.35 -6.14 -27.97
H21 PEG X . -4.75 -5.88 -24.19
H22 PEG X . -5.83 -6.89 -24.73
H31 PEG X . -5.62 -3.24 -25.08
H32 PEG X . -5.21 -3.86 -23.67
H41 PEG X . -7.12 -3.24 -22.69
H42 PEG X . -7.90 -3.17 -24.07
HO4 PEG X . -6.56 -1.32 -24.44
C TRS Y . -13.72 -1.71 7.73
C1 TRS Y . -14.91 -1.04 7.06
C2 TRS Y . -12.81 -0.67 8.36
C3 TRS Y . -14.19 -2.72 8.78
N TRS Y . -12.96 -2.44 6.66
O1 TRS Y . -14.53 -0.37 5.86
O2 TRS Y . -13.35 -0.13 9.56
O3 TRS Y . -13.29 -3.81 8.96
H11 TRS Y . -15.30 -0.37 7.68
H12 TRS Y . -15.59 -1.70 6.85
H21 TRS Y . -12.65 0.06 7.73
H22 TRS Y . -11.94 -1.07 8.57
H31 TRS Y . -15.06 -3.08 8.50
H32 TRS Y . -14.31 -2.26 9.63
HN1 TRS Y . -12.78 -3.30 6.93
HN2 TRS Y . -12.16 -2.04 6.49
HN3 TRS Y . -13.43 -2.48 5.89
HO1 TRS Y . -15.21 0.00 5.53
HO2 TRS Y . -12.82 0.44 9.86
HO3 TRS Y . -12.65 -3.55 9.47
C1 EDO Z . -7.32 -9.44 11.37
O1 EDO Z . -7.52 -10.54 10.47
C2 EDO Z . -5.90 -9.21 11.71
O2 EDO Z . -5.73 -8.41 12.87
H11 EDO Z . -7.81 -9.62 12.20
H12 EDO Z . -7.69 -8.63 10.97
HO1 EDO Z . -8.34 -10.64 10.32
H21 EDO Z . -5.47 -8.76 10.95
H22 EDO Z . -5.46 -10.06 11.85
HO2 EDO Z . -6.10 -7.66 12.74
C1 EDO AA . -0.35 -24.15 -34.06
O1 EDO AA . -0.28 -24.65 -35.38
C2 EDO AA . -0.02 -25.15 -33.01
O2 EDO AA . 0.89 -24.65 -32.03
H11 EDO AA . -1.26 -23.82 -33.90
H12 EDO AA . 0.26 -23.39 -33.98
HO1 EDO AA . -0.54 -24.03 -35.89
H21 EDO AA . 0.37 -25.94 -33.43
H22 EDO AA . -0.84 -25.42 -32.56
HO2 EDO AA . 0.59 -23.94 -31.71
C1 EDO BA . -14.05 -11.62 -19.73
O1 EDO BA . -13.37 -10.46 -19.29
C2 EDO BA . -14.52 -11.51 -21.14
O2 EDO BA . -15.93 -11.64 -21.26
H11 EDO BA . -14.83 -11.78 -19.15
H12 EDO BA . -13.45 -12.39 -19.66
HO1 EDO BA . -13.05 -10.56 -18.51
H21 EDO BA . -14.09 -12.21 -21.67
H22 EDO BA . -14.25 -10.64 -21.50
HO2 EDO BA . -16.30 -10.99 -20.85
C1 EDO CA . 4.62 -17.45 -0.11
O1 EDO CA . 5.31 -18.68 0.03
C2 EDO CA . 4.30 -16.79 1.19
O2 EDO CA . 2.98 -17.04 1.63
H11 EDO CA . 3.79 -17.61 -0.60
H12 EDO CA . 5.17 -16.84 -0.65
HO1 EDO CA . 5.52 -18.99 -0.65
H21 EDO CA . 4.44 -15.84 1.10
H22 EDO CA . 4.93 -17.13 1.86
HO2 EDO CA . 2.84 -17.87 1.66
C TRS DA . -19.12 -17.29 -12.20
C1 TRS DA . -18.49 -18.01 -13.41
C2 TRS DA . -19.57 -15.88 -12.58
C3 TRS DA . -20.31 -18.09 -11.67
N TRS DA . -18.07 -17.19 -11.12
O1 TRS DA . -17.26 -17.42 -13.80
O2 TRS DA . -19.81 -15.06 -11.44
O3 TRS DA . -19.93 -19.24 -10.92
H11 TRS DA . -19.12 -17.98 -14.15
H12 TRS DA . -18.35 -18.95 -13.18
H21 TRS DA . -20.38 -15.94 -13.11
H22 TRS DA . -18.87 -15.47 -13.13
H31 TRS DA . -20.86 -18.38 -12.42
H32 TRS DA . -20.84 -17.51 -11.09
HN1 TRS DA . -17.84 -18.01 -10.80
HN2 TRS DA . -18.39 -16.69 -10.44
HN3 TRS DA . -17.33 -16.78 -11.44
HO1 TRS DA . -16.97 -17.84 -14.49
HO2 TRS DA . -20.08 -14.29 -11.71
HO3 TRS DA . -19.34 -19.66 -11.34
#